data_1DEB
# 
_entry.id   1DEB 
# 
_audit_conform.dict_name       mmcif_pdbx.dic 
_audit_conform.dict_version    5.385 
_audit_conform.dict_location   http://mmcif.pdb.org/dictionaries/ascii/mmcif_pdbx.dic 
# 
loop_
_database_2.database_id 
_database_2.database_code 
_database_2.pdbx_database_accession 
_database_2.pdbx_DOI 
PDB   1DEB         pdb_00001deb 10.2210/pdb1deb/pdb 
RCSB  RCSB010015   ?            ?                   
WWPDB D_1000010015 ?            ?                   
# 
loop_
_pdbx_audit_revision_history.ordinal 
_pdbx_audit_revision_history.data_content_type 
_pdbx_audit_revision_history.major_revision 
_pdbx_audit_revision_history.minor_revision 
_pdbx_audit_revision_history.revision_date 
1 'Structure model' 1 0 2000-09-06 
2 'Structure model' 1 1 2008-04-27 
3 'Structure model' 1 2 2011-07-13 
4 'Structure model' 1 3 2017-10-04 
5 'Structure model' 1 4 2018-01-31 
6 'Structure model' 1 5 2024-02-07 
# 
_pdbx_audit_revision_details.ordinal             1 
_pdbx_audit_revision_details.revision_ordinal    1 
_pdbx_audit_revision_details.data_content_type   'Structure model' 
_pdbx_audit_revision_details.provider            repository 
_pdbx_audit_revision_details.type                'Initial release' 
_pdbx_audit_revision_details.description         ? 
_pdbx_audit_revision_details.details             ? 
# 
loop_
_pdbx_audit_revision_group.ordinal 
_pdbx_audit_revision_group.revision_ordinal 
_pdbx_audit_revision_group.data_content_type 
_pdbx_audit_revision_group.group 
1 2 'Structure model' 'Version format compliance' 
2 3 'Structure model' 'Version format compliance' 
3 4 'Structure model' Advisory                    
4 4 'Structure model' 'Refinement description'    
5 5 'Structure model' 'Experimental preparation'  
6 6 'Structure model' Advisory                    
7 6 'Structure model' 'Data collection'           
8 6 'Structure model' 'Database references'       
9 6 'Structure model' 'Derived calculations'      
# 
loop_
_pdbx_audit_revision_category.ordinal 
_pdbx_audit_revision_category.revision_ordinal 
_pdbx_audit_revision_category.data_content_type 
_pdbx_audit_revision_category.category 
1 4 'Structure model' pdbx_unobs_or_zero_occ_atoms 
2 4 'Structure model' software                     
3 5 'Structure model' exptl_crystal_grow           
4 6 'Structure model' chem_comp_atom               
5 6 'Structure model' chem_comp_bond               
6 6 'Structure model' database_2                   
7 6 'Structure model' pdbx_unobs_or_zero_occ_atoms 
8 6 'Structure model' struct_site                  
# 
loop_
_pdbx_audit_revision_item.ordinal 
_pdbx_audit_revision_item.revision_ordinal 
_pdbx_audit_revision_item.data_content_type 
_pdbx_audit_revision_item.item 
1 5 'Structure model' '_exptl_crystal_grow.temp'            
2 6 'Structure model' '_database_2.pdbx_DOI'                
3 6 'Structure model' '_database_2.pdbx_database_accession' 
4 6 'Structure model' '_struct_site.pdbx_auth_asym_id'      
5 6 'Structure model' '_struct_site.pdbx_auth_comp_id'      
6 6 'Structure model' '_struct_site.pdbx_auth_seq_id'       
# 
_pdbx_database_status.status_code                     REL 
_pdbx_database_status.entry_id                        1DEB 
_pdbx_database_status.recvd_initial_deposition_date   1999-11-14 
_pdbx_database_status.deposit_site                    RCSB 
_pdbx_database_status.process_site                    RCSB 
_pdbx_database_status.status_code_sf                  REL 
_pdbx_database_status.status_code_mr                  ? 
_pdbx_database_status.SG_entry                        ? 
_pdbx_database_status.pdb_format_compatible           Y 
_pdbx_database_status.status_code_cs                  ? 
_pdbx_database_status.methods_development_category    ? 
_pdbx_database_status.status_code_nmr_data            ? 
# 
loop_
_audit_author.name 
_audit_author.pdbx_ordinal 
'Day, C.L.' 1 
'Alber, T.' 2 
# 
_citation.id                        primary 
_citation.title                     'Crystal structure of the amino-terminal coiled-coil domain of the APC tumor suppressor.' 
_citation.journal_abbrev            J.Mol.Biol. 
_citation.journal_volume            301 
_citation.page_first                147 
_citation.page_last                 156 
_citation.year                      2000 
_citation.journal_id_ASTM           JMOBAK 
_citation.country                   UK 
_citation.journal_id_ISSN           0022-2836 
_citation.journal_id_CSD            0070 
_citation.book_publisher            ? 
_citation.pdbx_database_id_PubMed   10926498 
_citation.pdbx_database_id_DOI      10.1006/jmbi.2000.3895 
# 
loop_
_citation_author.citation_id 
_citation_author.name 
_citation_author.ordinal 
_citation_author.identifier_ORCID 
primary 'Day, C.L.' 1 ? 
primary 'Alber, T.' 2 ? 
# 
loop_
_entity.id 
_entity.type 
_entity.src_method 
_entity.pdbx_description 
_entity.formula_weight 
_entity.pdbx_number_of_molecules 
_entity.pdbx_ec 
_entity.pdbx_mutation 
_entity.pdbx_fragment 
_entity.details 
1 polymer     man 'ADENOMATOUS POLYPOSIS COLI PROTEIN' 6109.825 2  ? ? 'N-TERMINAL COILED COIL DOMAIN' ? 
2 non-polymer syn 'SULFATE ION'                        96.063   1  ? ? ?                               ? 
3 water       nat water                                18.015   34 ? ? ?                               ? 
# 
_entity_name_com.entity_id   1 
_entity_name_com.name        'APC PROTEIN' 
# 
_entity_poly.entity_id                      1 
_entity_poly.type                           'polypeptide(L)' 
_entity_poly.nstd_linkage                   no 
_entity_poly.nstd_monomer                   no 
_entity_poly.pdbx_seq_one_letter_code       AAASYDQLLKQVEALKMENSNLRQELEDNSNHLTKLETEASNMKEVLKQLQGSI 
_entity_poly.pdbx_seq_one_letter_code_can   AAASYDQLLKQVEALKMENSNLRQELEDNSNHLTKLETEASNMKEVLKQLQGSI 
_entity_poly.pdbx_strand_id                 A,B 
_entity_poly.pdbx_target_identifier         ? 
# 
loop_
_pdbx_entity_nonpoly.entity_id 
_pdbx_entity_nonpoly.name 
_pdbx_entity_nonpoly.comp_id 
2 'SULFATE ION' SO4 
3 water         HOH 
# 
loop_
_entity_poly_seq.entity_id 
_entity_poly_seq.num 
_entity_poly_seq.mon_id 
_entity_poly_seq.hetero 
1 1  ALA n 
1 2  ALA n 
1 3  ALA n 
1 4  SER n 
1 5  TYR n 
1 6  ASP n 
1 7  GLN n 
1 8  LEU n 
1 9  LEU n 
1 10 LYS n 
1 11 GLN n 
1 12 VAL n 
1 13 GLU n 
1 14 ALA n 
1 15 LEU n 
1 16 LYS n 
1 17 MET n 
1 18 GLU n 
1 19 ASN n 
1 20 SER n 
1 21 ASN n 
1 22 LEU n 
1 23 ARG n 
1 24 GLN n 
1 25 GLU n 
1 26 LEU n 
1 27 GLU n 
1 28 ASP n 
1 29 ASN n 
1 30 SER n 
1 31 ASN n 
1 32 HIS n 
1 33 LEU n 
1 34 THR n 
1 35 LYS n 
1 36 LEU n 
1 37 GLU n 
1 38 THR n 
1 39 GLU n 
1 40 ALA n 
1 41 SER n 
1 42 ASN n 
1 43 MET n 
1 44 LYS n 
1 45 GLU n 
1 46 VAL n 
1 47 LEU n 
1 48 LYS n 
1 49 GLN n 
1 50 LEU n 
1 51 GLN n 
1 52 GLY n 
1 53 SER n 
1 54 ILE n 
# 
_entity_src_gen.entity_id                          1 
_entity_src_gen.pdbx_src_id                        1 
_entity_src_gen.pdbx_alt_source_flag               sample 
_entity_src_gen.pdbx_seq_type                      ? 
_entity_src_gen.pdbx_beg_seq_num                   ? 
_entity_src_gen.pdbx_end_seq_num                   ? 
_entity_src_gen.gene_src_common_name               human 
_entity_src_gen.gene_src_genus                     Homo 
_entity_src_gen.pdbx_gene_src_gene                 ? 
_entity_src_gen.gene_src_species                   ? 
_entity_src_gen.gene_src_strain                    ? 
_entity_src_gen.gene_src_tissue                    ? 
_entity_src_gen.gene_src_tissue_fraction           ? 
_entity_src_gen.gene_src_details                   ? 
_entity_src_gen.pdbx_gene_src_fragment             ? 
_entity_src_gen.pdbx_gene_src_scientific_name      'Homo sapiens' 
_entity_src_gen.pdbx_gene_src_ncbi_taxonomy_id     9606 
_entity_src_gen.pdbx_gene_src_variant              ? 
_entity_src_gen.pdbx_gene_src_cell_line            ? 
_entity_src_gen.pdbx_gene_src_atcc                 ? 
_entity_src_gen.pdbx_gene_src_organ                ? 
_entity_src_gen.pdbx_gene_src_organelle            ? 
_entity_src_gen.pdbx_gene_src_cell                 ? 
_entity_src_gen.pdbx_gene_src_cellular_location    ? 
_entity_src_gen.host_org_common_name               ? 
_entity_src_gen.pdbx_host_org_scientific_name      'Escherichia coli' 
_entity_src_gen.pdbx_host_org_ncbi_taxonomy_id     562 
_entity_src_gen.host_org_genus                     Escherichia 
_entity_src_gen.pdbx_host_org_gene                 ? 
_entity_src_gen.pdbx_host_org_organ                ? 
_entity_src_gen.host_org_species                   ? 
_entity_src_gen.pdbx_host_org_tissue               ? 
_entity_src_gen.pdbx_host_org_tissue_fraction      ? 
_entity_src_gen.pdbx_host_org_strain               ? 
_entity_src_gen.pdbx_host_org_variant              ? 
_entity_src_gen.pdbx_host_org_cell_line            ? 
_entity_src_gen.pdbx_host_org_atcc                 ? 
_entity_src_gen.pdbx_host_org_culture_collection   ? 
_entity_src_gen.pdbx_host_org_cell                 ? 
_entity_src_gen.pdbx_host_org_organelle            ? 
_entity_src_gen.pdbx_host_org_cellular_location    ? 
_entity_src_gen.pdbx_host_org_vector_type          PLASMID 
_entity_src_gen.pdbx_host_org_vector               ? 
_entity_src_gen.host_org_details                   ? 
_entity_src_gen.expression_system_id               ? 
_entity_src_gen.plasmid_name                       PAED4 
_entity_src_gen.plasmid_details                    ? 
_entity_src_gen.pdbx_description                   ? 
# 
loop_
_chem_comp.id 
_chem_comp.type 
_chem_comp.mon_nstd_flag 
_chem_comp.name 
_chem_comp.pdbx_synonyms 
_chem_comp.formula 
_chem_comp.formula_weight 
ALA 'L-peptide linking' y ALANINE         ? 'C3 H7 N O2'     89.093  
ARG 'L-peptide linking' y ARGININE        ? 'C6 H15 N4 O2 1' 175.209 
ASN 'L-peptide linking' y ASPARAGINE      ? 'C4 H8 N2 O3'    132.118 
ASP 'L-peptide linking' y 'ASPARTIC ACID' ? 'C4 H7 N O4'     133.103 
GLN 'L-peptide linking' y GLUTAMINE       ? 'C5 H10 N2 O3'   146.144 
GLU 'L-peptide linking' y 'GLUTAMIC ACID' ? 'C5 H9 N O4'     147.129 
GLY 'peptide linking'   y GLYCINE         ? 'C2 H5 N O2'     75.067  
HIS 'L-peptide linking' y HISTIDINE       ? 'C6 H10 N3 O2 1' 156.162 
HOH non-polymer         . WATER           ? 'H2 O'           18.015  
ILE 'L-peptide linking' y ISOLEUCINE      ? 'C6 H13 N O2'    131.173 
LEU 'L-peptide linking' y LEUCINE         ? 'C6 H13 N O2'    131.173 
LYS 'L-peptide linking' y LYSINE          ? 'C6 H15 N2 O2 1' 147.195 
MET 'L-peptide linking' y METHIONINE      ? 'C5 H11 N O2 S'  149.211 
SER 'L-peptide linking' y SERINE          ? 'C3 H7 N O3'     105.093 
SO4 non-polymer         . 'SULFATE ION'   ? 'O4 S -2'        96.063  
THR 'L-peptide linking' y THREONINE       ? 'C4 H9 N O3'     119.119 
TYR 'L-peptide linking' y TYROSINE        ? 'C9 H11 N O3'    181.189 
VAL 'L-peptide linking' y VALINE          ? 'C5 H11 N O2'    117.146 
# 
loop_
_pdbx_poly_seq_scheme.asym_id 
_pdbx_poly_seq_scheme.entity_id 
_pdbx_poly_seq_scheme.seq_id 
_pdbx_poly_seq_scheme.mon_id 
_pdbx_poly_seq_scheme.ndb_seq_num 
_pdbx_poly_seq_scheme.pdb_seq_num 
_pdbx_poly_seq_scheme.auth_seq_num 
_pdbx_poly_seq_scheme.pdb_mon_id 
_pdbx_poly_seq_scheme.auth_mon_id 
_pdbx_poly_seq_scheme.pdb_strand_id 
_pdbx_poly_seq_scheme.pdb_ins_code 
_pdbx_poly_seq_scheme.hetero 
A 1 1  ALA 1  2  2  ALA ALA A . n 
A 1 2  ALA 2  3  3  ALA ALA A . n 
A 1 3  ALA 3  4  4  ALA ALA A . n 
A 1 4  SER 4  5  5  SER SER A . n 
A 1 5  TYR 5  6  6  TYR TYR A . n 
A 1 6  ASP 6  7  7  ASP ASP A . n 
A 1 7  GLN 7  8  8  GLN GLN A . n 
A 1 8  LEU 8  9  9  LEU LEU A . n 
A 1 9  LEU 9  10 10 LEU LEU A . n 
A 1 10 LYS 10 11 11 LYS LYS A . n 
A 1 11 GLN 11 12 12 GLN GLN A . n 
A 1 12 VAL 12 13 13 VAL VAL A . n 
A 1 13 GLU 13 14 14 GLU GLU A . n 
A 1 14 ALA 14 15 15 ALA ALA A . n 
A 1 15 LEU 15 16 16 LEU LEU A . n 
A 1 16 LYS 16 17 17 LYS LYS A . n 
A 1 17 MET 17 18 18 MET MET A . n 
A 1 18 GLU 18 19 19 GLU GLU A . n 
A 1 19 ASN 19 20 20 ASN ASN A . n 
A 1 20 SER 20 21 21 SER SER A . n 
A 1 21 ASN 21 22 22 ASN ASN A . n 
A 1 22 LEU 22 23 23 LEU LEU A . n 
A 1 23 ARG 23 24 24 ARG ARG A . n 
A 1 24 GLN 24 25 25 GLN GLN A . n 
A 1 25 GLU 25 26 26 GLU GLU A . n 
A 1 26 LEU 26 27 27 LEU LEU A . n 
A 1 27 GLU 27 28 28 GLU GLU A . n 
A 1 28 ASP 28 29 29 ASP ASP A . n 
A 1 29 ASN 29 30 30 ASN ASN A . n 
A 1 30 SER 30 31 31 SER SER A . n 
A 1 31 ASN 31 32 32 ASN ASN A . n 
A 1 32 HIS 32 33 33 HIS HIS A . n 
A 1 33 LEU 33 34 34 LEU LEU A . n 
A 1 34 THR 34 35 35 THR THR A . n 
A 1 35 LYS 35 36 36 LYS LYS A . n 
A 1 36 LEU 36 37 37 LEU LEU A . n 
A 1 37 GLU 37 38 38 GLU GLU A . n 
A 1 38 THR 38 39 39 THR THR A . n 
A 1 39 GLU 39 40 40 GLU GLU A . n 
A 1 40 ALA 40 41 41 ALA ALA A . n 
A 1 41 SER 41 42 42 SER SER A . n 
A 1 42 ASN 42 43 43 ASN ASN A . n 
A 1 43 MET 43 44 44 MET MET A . n 
A 1 44 LYS 44 45 45 LYS LYS A . n 
A 1 45 GLU 45 46 46 GLU GLU A . n 
A 1 46 VAL 46 47 47 VAL VAL A . n 
A 1 47 LEU 47 48 48 LEU LEU A . n 
A 1 48 LYS 48 49 49 LYS LYS A . n 
A 1 49 GLN 49 50 50 GLN GLN A . n 
A 1 50 LEU 50 51 51 LEU LEU A . n 
A 1 51 GLN 51 52 52 GLN GLN A . n 
A 1 52 GLY 52 53 53 GLY GLY A . n 
A 1 53 SER 53 54 54 SER SER A . n 
A 1 54 ILE 54 55 55 ILE ALA A . n 
B 1 1  ALA 1  2  ?  ?   ?   B . n 
B 1 2  ALA 2  3  3  ALA ALA B . n 
B 1 3  ALA 3  4  4  ALA ALA B . n 
B 1 4  SER 4  5  5  SER SER B . n 
B 1 5  TYR 5  6  6  TYR TYR B . n 
B 1 6  ASP 6  7  7  ASP ASP B . n 
B 1 7  GLN 7  8  8  GLN GLN B . n 
B 1 8  LEU 8  9  9  LEU LEU B . n 
B 1 9  LEU 9  10 10 LEU LEU B . n 
B 1 10 LYS 10 11 11 LYS LYS B . n 
B 1 11 GLN 11 12 12 GLN GLN B . n 
B 1 12 VAL 12 13 13 VAL VAL B . n 
B 1 13 GLU 13 14 14 GLU GLU B . n 
B 1 14 ALA 14 15 15 ALA ALA B . n 
B 1 15 LEU 15 16 16 LEU LEU B . n 
B 1 16 LYS 16 17 17 LYS LYS B . n 
B 1 17 MET 17 18 18 MET MET B . n 
B 1 18 GLU 18 19 19 GLU GLU B . n 
B 1 19 ASN 19 20 20 ASN ASN B . n 
B 1 20 SER 20 21 21 SER SER B . n 
B 1 21 ASN 21 22 22 ASN ASN B . n 
B 1 22 LEU 22 23 23 LEU LEU B . n 
B 1 23 ARG 23 24 24 ARG ARG B . n 
B 1 24 GLN 24 25 25 GLN GLN B . n 
B 1 25 GLU 25 26 26 GLU GLU B . n 
B 1 26 LEU 26 27 27 LEU LEU B . n 
B 1 27 GLU 27 28 28 GLU GLU B . n 
B 1 28 ASP 28 29 29 ASP ASP B . n 
B 1 29 ASN 29 30 30 ASN ASN B . n 
B 1 30 SER 30 31 31 SER SER B . n 
B 1 31 ASN 31 32 32 ASN ASN B . n 
B 1 32 HIS 32 33 33 HIS HIS B . n 
B 1 33 LEU 33 34 34 LEU LEU B . n 
B 1 34 THR 34 35 35 THR THR B . n 
B 1 35 LYS 35 36 36 LYS LYS B . n 
B 1 36 LEU 36 37 37 LEU LEU B . n 
B 1 37 GLU 37 38 38 GLU GLU B . n 
B 1 38 THR 38 39 39 THR THR B . n 
B 1 39 GLU 39 40 40 GLU GLU B . n 
B 1 40 ALA 40 41 41 ALA ALA B . n 
B 1 41 SER 41 42 42 SER SER B . n 
B 1 42 ASN 42 43 43 ASN ASN B . n 
B 1 43 MET 43 44 44 MET MET B . n 
B 1 44 LYS 44 45 45 LYS LYS B . n 
B 1 45 GLU 45 46 46 GLU GLU B . n 
B 1 46 VAL 46 47 47 VAL VAL B . n 
B 1 47 LEU 47 48 48 LEU LEU B . n 
B 1 48 LYS 48 49 49 LYS LYS B . n 
B 1 49 GLN 49 50 50 GLN GLN B . n 
B 1 50 LEU 50 51 51 LEU LEU B . n 
B 1 51 GLN 51 52 52 GLN GLN B . n 
B 1 52 GLY 52 53 53 GLY GLY B . n 
B 1 53 SER 53 54 54 SER SER B . n 
B 1 54 ILE 54 55 55 ILE ILE B . n 
# 
loop_
_pdbx_nonpoly_scheme.asym_id 
_pdbx_nonpoly_scheme.entity_id 
_pdbx_nonpoly_scheme.mon_id 
_pdbx_nonpoly_scheme.ndb_seq_num 
_pdbx_nonpoly_scheme.pdb_seq_num 
_pdbx_nonpoly_scheme.auth_seq_num 
_pdbx_nonpoly_scheme.pdb_mon_id 
_pdbx_nonpoly_scheme.auth_mon_id 
_pdbx_nonpoly_scheme.pdb_strand_id 
_pdbx_nonpoly_scheme.pdb_ins_code 
C 2 SO4 1  423 423 SO4 SO4 B . 
D 3 HOH 1  206 206 HOH WAT A . 
D 3 HOH 2  210 210 HOH WAT A . 
D 3 HOH 3  216 216 HOH WAT A . 
D 3 HOH 4  217 217 HOH WAT A . 
D 3 HOH 5  218 218 HOH WAT A . 
D 3 HOH 6  221 221 HOH WAT A . 
D 3 HOH 7  222 222 HOH WAT A . 
D 3 HOH 8  223 223 HOH WAT A . 
D 3 HOH 9  224 224 HOH WAT A . 
D 3 HOH 10 225 225 HOH WAT A . 
D 3 HOH 11 227 227 HOH WAT A . 
D 3 HOH 12 228 228 HOH WAT A . 
D 3 HOH 13 229 229 HOH WAT A . 
D 3 HOH 14 230 230 HOH WAT A . 
D 3 HOH 15 231 231 HOH WAT A . 
D 3 HOH 16 232 232 HOH WAT A . 
D 3 HOH 17 233 233 HOH WAT A . 
E 3 HOH 1  201 201 HOH WAT B . 
E 3 HOH 2  202 202 HOH WAT B . 
E 3 HOH 3  203 203 HOH WAT B . 
E 3 HOH 4  204 204 HOH WAT B . 
E 3 HOH 5  205 205 HOH WAT B . 
E 3 HOH 6  207 207 HOH WAT B . 
E 3 HOH 7  208 208 HOH WAT B . 
E 3 HOH 8  209 209 HOH WAT B . 
E 3 HOH 9  211 211 HOH WAT B . 
E 3 HOH 10 212 212 HOH WAT B . 
E 3 HOH 11 213 213 HOH WAT B . 
E 3 HOH 12 214 214 HOH WAT B . 
E 3 HOH 13 215 215 HOH WAT B . 
E 3 HOH 14 219 219 HOH WAT B . 
E 3 HOH 15 220 220 HOH WAT B . 
E 3 HOH 16 226 226 HOH WAT B . 
E 3 HOH 17 234 234 HOH WAT B . 
# 
loop_
_pdbx_unobs_or_zero_occ_atoms.id 
_pdbx_unobs_or_zero_occ_atoms.PDB_model_num 
_pdbx_unobs_or_zero_occ_atoms.polymer_flag 
_pdbx_unobs_or_zero_occ_atoms.occupancy_flag 
_pdbx_unobs_or_zero_occ_atoms.auth_asym_id 
_pdbx_unobs_or_zero_occ_atoms.auth_comp_id 
_pdbx_unobs_or_zero_occ_atoms.auth_seq_id 
_pdbx_unobs_or_zero_occ_atoms.PDB_ins_code 
_pdbx_unobs_or_zero_occ_atoms.auth_atom_id 
_pdbx_unobs_or_zero_occ_atoms.label_alt_id 
_pdbx_unobs_or_zero_occ_atoms.label_asym_id 
_pdbx_unobs_or_zero_occ_atoms.label_comp_id 
_pdbx_unobs_or_zero_occ_atoms.label_seq_id 
_pdbx_unobs_or_zero_occ_atoms.label_atom_id 
1 1 Y 1 A ILE 55 ? CG1 ? A ILE 54 CG1 
2 1 Y 1 A ILE 55 ? CG2 ? A ILE 54 CG2 
3 1 Y 1 A ILE 55 ? CD1 ? A ILE 54 CD1 
4 1 Y 0 B GLU 14 ? CG  ? B GLU 13 CG  
5 1 Y 0 B GLU 14 ? CD  ? B GLU 13 CD  
6 1 Y 0 B GLU 14 ? OE1 ? B GLU 13 OE1 
7 1 Y 0 B GLU 14 ? OE2 ? B GLU 13 OE2 
# 
loop_
_software.name 
_software.classification 
_software.version 
_software.citation_id 
_software.pdbx_ordinal 
MLPHARE phasing        .            ? 1 
CNS     refinement     .            ? 2 
CCP4    'data scaling' '(TRUNCATE)' ? 3 
# 
_cell.entry_id           1DEB 
_cell.length_a           66.86 
_cell.length_b           66.86 
_cell.length_c           127.47 
_cell.angle_alpha        90 
_cell.angle_beta         90 
_cell.angle_gamma        120 
_cell.Z_PDB              24 
_cell.pdbx_unique_axis   ? 
# 
_symmetry.entry_id                         1DEB 
_symmetry.space_group_name_H-M             'P 65 2 2' 
_symmetry.pdbx_full_space_group_name_H-M   ? 
_symmetry.cell_setting                     ? 
_symmetry.Int_Tables_number                179 
# 
_exptl.entry_id          1DEB 
_exptl.method            'X-RAY DIFFRACTION' 
_exptl.crystals_number   1 
# 
_exptl_crystal.id                    1 
_exptl_crystal.density_meas          ? 
_exptl_crystal.density_Matthews      3.37 
_exptl_crystal.density_percent_sol   63.45 
_exptl_crystal.description           ? 
# 
_exptl_crystal_grow.crystal_id      1 
_exptl_crystal_grow.method          'VAPOR DIFFUSION, HANGING DROP' 
_exptl_crystal_grow.temp            277.0 
_exptl_crystal_grow.temp_details    ? 
_exptl_crystal_grow.pH              4.8 
_exptl_crystal_grow.pdbx_details    '15% PEG 4000, 0.1M AMMONIUM ACETATE, 0.1M NA ACETATE, pH 4.8, VAPOR DIFFUSION, HANGING DROP' 
_exptl_crystal_grow.pdbx_pH_range   . 
# 
_diffrn.id                     1 
_diffrn.ambient_temp           76 
_diffrn.ambient_temp_details   ? 
_diffrn.crystal_id             1 
# 
_diffrn_detector.diffrn_id              1 
_diffrn_detector.detector               'IMAGE PLATE' 
_diffrn_detector.type                   'RIGAKU RAXIS IIC' 
_diffrn_detector.pdbx_collection_date   1994 
_diffrn_detector.details                ? 
# 
_diffrn_radiation.diffrn_id                        1 
_diffrn_radiation.wavelength_id                    1 
_diffrn_radiation.pdbx_monochromatic_or_laue_m_l   M 
_diffrn_radiation.monochromator                    ? 
_diffrn_radiation.pdbx_diffrn_protocol             'SINGLE WAVELENGTH' 
_diffrn_radiation.pdbx_scattering_type             x-ray 
# 
_diffrn_radiation_wavelength.id           1 
_diffrn_radiation_wavelength.wavelength   1.5418 
_diffrn_radiation_wavelength.wt           1.0 
# 
_diffrn_source.diffrn_id                   1 
_diffrn_source.source                      'ROTATING ANODE' 
_diffrn_source.type                        'RIGAKU RU200' 
_diffrn_source.pdbx_synchrotron_site       ? 
_diffrn_source.pdbx_synchrotron_beamline   ? 
_diffrn_source.pdbx_wavelength             1.5418 
_diffrn_source.pdbx_wavelength_list        ? 
# 
_reflns.entry_id                     1DEB 
_reflns.observed_criterion_sigma_I   ? 
_reflns.observed_criterion_sigma_F   ? 
_reflns.d_resolution_low             20 
_reflns.d_resolution_high            2.4 
_reflns.number_obs                   ? 
_reflns.number_all                   18321 
_reflns.percent_possible_obs         93.6 
_reflns.pdbx_Rmerge_I_obs            0.0790000 
_reflns.pdbx_Rsym_value              ? 
_reflns.pdbx_netI_over_sigmaI        5.3 
_reflns.B_iso_Wilson_estimate        34.63 
_reflns.pdbx_redundancy              2.8 
_reflns.R_free_details               ? 
_reflns.limit_h_max                  ? 
_reflns.limit_h_min                  ? 
_reflns.limit_k_max                  ? 
_reflns.limit_k_min                  ? 
_reflns.limit_l_max                  ? 
_reflns.limit_l_min                  ? 
_reflns.observed_criterion_F_max     ? 
_reflns.observed_criterion_F_min     ? 
_reflns.pdbx_diffrn_id               1 
_reflns.pdbx_ordinal                 1 
# 
_reflns_shell.d_res_high             2.4 
_reflns_shell.d_res_low              2.48 
_reflns_shell.percent_possible_all   94.0 
_reflns_shell.Rmerge_I_obs           0.1640000 
_reflns_shell.pdbx_Rsym_value        ? 
_reflns_shell.meanI_over_sigI_obs    ? 
_reflns_shell.pdbx_redundancy        3.1 
_reflns_shell.percent_possible_obs   ? 
_reflns_shell.number_unique_all      ? 
_reflns_shell.pdbx_diffrn_id         ? 
_reflns_shell.pdbx_ordinal           1 
# 
_refine.entry_id                                 1DEB 
_refine.ls_number_reflns_obs                     6138 
_refine.ls_number_reflns_all                     6138 
_refine.pdbx_ls_sigma_I                          ? 
_refine.pdbx_ls_sigma_F                          1 
_refine.pdbx_data_cutoff_high_absF               ? 
_refine.pdbx_data_cutoff_low_absF                ? 
_refine.pdbx_data_cutoff_high_rms_absF           ? 
_refine.ls_d_res_low                             20 
_refine.ls_d_res_high                            2.4 
_refine.ls_percent_reflns_obs                    ? 
_refine.ls_R_factor_obs                          0.2340000 
_refine.ls_R_factor_all                          ? 
_refine.ls_R_factor_R_work                       0.2340000 
_refine.ls_R_factor_R_free                       0.2770000 
_refine.ls_R_factor_R_free_error                 ? 
_refine.ls_R_factor_R_free_error_details         ? 
_refine.ls_percent_reflns_R_free                 ? 
_refine.ls_number_reflns_R_free                  723 
_refine.ls_number_parameters                     ? 
_refine.ls_number_restraints                     ? 
_refine.occupancy_min                            ? 
_refine.occupancy_max                            ? 
_refine.B_iso_mean                               ? 
_refine.aniso_B[1][1]                            ? 
_refine.aniso_B[2][2]                            ? 
_refine.aniso_B[3][3]                            ? 
_refine.aniso_B[1][2]                            ? 
_refine.aniso_B[1][3]                            ? 
_refine.aniso_B[2][3]                            ? 
_refine.solvent_model_details                    ? 
_refine.solvent_model_param_ksol                 ? 
_refine.solvent_model_param_bsol                 ? 
_refine.pdbx_ls_cross_valid_method               ? 
_refine.details                                  ? 
_refine.pdbx_starting_model                      ? 
_refine.pdbx_method_to_determine_struct          ? 
_refine.pdbx_isotropic_thermal_model             ? 
_refine.pdbx_stereochemistry_target_values       'ENGH & HUBER' 
_refine.pdbx_stereochem_target_val_spec_case     ? 
_refine.pdbx_R_Free_selection_details            'RANDOM 10%' 
_refine.pdbx_overall_ESU_R                       ? 
_refine.pdbx_overall_ESU_R_Free                  ? 
_refine.overall_SU_ML                            ? 
_refine.overall_SU_B                             ? 
_refine.ls_redundancy_reflns_obs                 ? 
_refine.B_iso_min                                ? 
_refine.B_iso_max                                ? 
_refine.pdbx_refine_id                           'X-RAY DIFFRACTION' 
_refine.pdbx_diffrn_id                           1 
_refine.pdbx_TLS_residual_ADP_flag               ? 
_refine.correlation_coeff_Fo_to_Fc               ? 
_refine.correlation_coeff_Fo_to_Fc_free          ? 
_refine.pdbx_solvent_vdw_probe_radii             ? 
_refine.pdbx_solvent_ion_probe_radii             ? 
_refine.pdbx_solvent_shrinkage_radii             ? 
_refine.pdbx_overall_phase_error                 ? 
_refine.overall_SU_R_Cruickshank_DPI             ? 
_refine.pdbx_overall_SU_R_free_Cruickshank_DPI   ? 
_refine.pdbx_overall_SU_R_Blow_DPI               ? 
_refine.pdbx_overall_SU_R_free_Blow_DPI          ? 
# 
_refine_hist.pdbx_refine_id                   'X-RAY DIFFRACTION' 
_refine_hist.cycle_id                         LAST 
_refine_hist.pdbx_number_atoms_protein        844 
_refine_hist.pdbx_number_atoms_nucleic_acid   0 
_refine_hist.pdbx_number_atoms_ligand         5 
_refine_hist.number_atoms_solvent             34 
_refine_hist.number_atoms_total               883 
_refine_hist.d_res_high                       2.4 
_refine_hist.d_res_low                        20 
# 
loop_
_refine_ls_restr.type 
_refine_ls_restr.dev_ideal 
_refine_ls_restr.dev_ideal_target 
_refine_ls_restr.weight 
_refine_ls_restr.number 
_refine_ls_restr.pdbx_refine_id 
_refine_ls_restr.pdbx_restraint_function 
c_bond_d                0.015 ? ? ? 'X-RAY DIFFRACTION' ? 
c_bond_d_na             ?     ? ? ? 'X-RAY DIFFRACTION' ? 
c_bond_d_prot           ?     ? ? ? 'X-RAY DIFFRACTION' ? 
c_angle_d               ?     ? ? ? 'X-RAY DIFFRACTION' ? 
c_angle_d_na            ?     ? ? ? 'X-RAY DIFFRACTION' ? 
c_angle_d_prot          ?     ? ? ? 'X-RAY DIFFRACTION' ? 
c_angle_deg             1.57  ? ? ? 'X-RAY DIFFRACTION' ? 
c_angle_deg_na          ?     ? ? ? 'X-RAY DIFFRACTION' ? 
c_angle_deg_prot        ?     ? ? ? 'X-RAY DIFFRACTION' ? 
c_dihedral_angle_d      ?     ? ? ? 'X-RAY DIFFRACTION' ? 
c_dihedral_angle_d_na   ?     ? ? ? 'X-RAY DIFFRACTION' ? 
c_dihedral_angle_d_prot ?     ? ? ? 'X-RAY DIFFRACTION' ? 
c_improper_angle_d      ?     ? ? ? 'X-RAY DIFFRACTION' ? 
c_improper_angle_d_na   ?     ? ? ? 'X-RAY DIFFRACTION' ? 
c_improper_angle_d_prot ?     ? ? ? 'X-RAY DIFFRACTION' ? 
c_mcbond_it             ?     ? ? ? 'X-RAY DIFFRACTION' ? 
c_mcangle_it            ?     ? ? ? 'X-RAY DIFFRACTION' ? 
c_scbond_it             ?     ? ? ? 'X-RAY DIFFRACTION' ? 
c_scangle_it            ?     ? ? ? 'X-RAY DIFFRACTION' ? 
# 
_struct.entry_id                  1DEB 
_struct.title                     'CRYSTAL STRUCTURE OF THE N-TERMINAL COILED COIL DOMAIN FROM APC' 
_struct.pdbx_model_details        ? 
_struct.pdbx_CASP_flag            ? 
_struct.pdbx_model_type_details   ? 
# 
_struct_keywords.entry_id        1DEB 
_struct_keywords.pdbx_keywords   'STRUCTURAL PROTEIN' 
_struct_keywords.text            'APC, COILED COIL, TUMOR SUPPRESSOR, STRUCTURAL PROTEIN' 
# 
loop_
_struct_asym.id 
_struct_asym.pdbx_blank_PDB_chainid_flag 
_struct_asym.pdbx_modified 
_struct_asym.entity_id 
_struct_asym.details 
A N N 1 ? 
B N N 1 ? 
C N N 2 ? 
D N N 3 ? 
E N N 3 ? 
# 
_struct_ref.id                         1 
_struct_ref.db_name                    UNP 
_struct_ref.db_code                    APC_HUMAN 
_struct_ref.entity_id                  1 
_struct_ref.pdbx_db_accession          P25054 
_struct_ref.pdbx_align_begin           ? 
_struct_ref.pdbx_seq_one_letter_code   ? 
_struct_ref.pdbx_db_isoform            ? 
# 
loop_
_struct_ref_seq.align_id 
_struct_ref_seq.ref_id 
_struct_ref_seq.pdbx_PDB_id_code 
_struct_ref_seq.pdbx_strand_id 
_struct_ref_seq.seq_align_beg 
_struct_ref_seq.pdbx_seq_align_beg_ins_code 
_struct_ref_seq.seq_align_end 
_struct_ref_seq.pdbx_seq_align_end_ins_code 
_struct_ref_seq.pdbx_db_accession 
_struct_ref_seq.db_align_beg 
_struct_ref_seq.pdbx_db_align_beg_ins_code 
_struct_ref_seq.db_align_end 
_struct_ref_seq.pdbx_db_align_end_ins_code 
_struct_ref_seq.pdbx_auth_seq_align_beg 
_struct_ref_seq.pdbx_auth_seq_align_end 
1 1 1DEB A 1 ? 54 ? P25054 2 ? 55 ? 2 55 
2 1 1DEB B 1 ? 54 ? P25054 2 ? 55 ? 2 55 
# 
loop_
_pdbx_struct_assembly.id 
_pdbx_struct_assembly.details 
_pdbx_struct_assembly.method_details 
_pdbx_struct_assembly.oligomeric_details 
_pdbx_struct_assembly.oligomeric_count 
1 author_defined_assembly              ?    monomeric  1 
2 author_and_software_defined_assembly PISA monomeric  1 
3 software_defined_assembly            PISA tetrameric 4 
4 software_defined_assembly            PISA dimeric    2 
5 software_defined_assembly            PISA dimeric    2 
# 
loop_
_pdbx_struct_assembly_prop.biol_id 
_pdbx_struct_assembly_prop.type 
_pdbx_struct_assembly_prop.value 
_pdbx_struct_assembly_prop.details 
3 'ABSA (A^2)' 6270  ? 
3 MORE         -72   ? 
3 'SSA (A^2)'  15400 ? 
4 'ABSA (A^2)' 2270  ? 
4 MORE         -29   ? 
4 'SSA (A^2)'  8560  ? 
5 'ABSA (A^2)' 2110  ? 
5 MORE         -5    ? 
5 'SSA (A^2)'  8460  ? 
# 
loop_
_pdbx_struct_assembly_gen.assembly_id 
_pdbx_struct_assembly_gen.oper_expression 
_pdbx_struct_assembly_gen.asym_id_list 
1 1   A,D       
2 1   B,C,E     
3 1,2 A,B,C,D,E 
4 1   A,B,C,D,E 
5 1,3 A,D       
# 
loop_
_pdbx_struct_oper_list.id 
_pdbx_struct_oper_list.type 
_pdbx_struct_oper_list.name 
_pdbx_struct_oper_list.symmetry_operation 
_pdbx_struct_oper_list.matrix[1][1] 
_pdbx_struct_oper_list.matrix[1][2] 
_pdbx_struct_oper_list.matrix[1][3] 
_pdbx_struct_oper_list.vector[1] 
_pdbx_struct_oper_list.matrix[2][1] 
_pdbx_struct_oper_list.matrix[2][2] 
_pdbx_struct_oper_list.matrix[2][3] 
_pdbx_struct_oper_list.vector[2] 
_pdbx_struct_oper_list.matrix[3][1] 
_pdbx_struct_oper_list.matrix[3][2] 
_pdbx_struct_oper_list.matrix[3][3] 
_pdbx_struct_oper_list.vector[3] 
1 'identity operation'         1_555  x,y,z            1.0000000000 0.0000000000  0.0000000000  0.0000000000   0.0000000000  1.0000000000  0.0000000000  0.0000000000  0.0000000000  0.0000000000  1.0000000000  0.0000000000   
2 'crystal symmetry operation' 11_655 -x+y+1,y,-z+1/2  0.5073397016 0.8179387474  -0.2712611890 -12.3044578402 0.8179387474  -0.5561559257 -0.1471964395 3.2914672523  -0.2712611890 -0.1471964395 -0.9511837759 -58.4483879462 
3 'crystal symmetry operation' 10_665 -y+1,-x+1,-z+1/6 0.0926446554 -0.6844137989 -0.7231837386 0.7589564136   -0.6844137989 -0.5712949807 0.4529898420  12.6380613654 -0.7231837386 0.4529898420  -0.5213496747 -10.8138409402 
# 
loop_
_struct_biol.id 
1 
2 
# 
loop_
_struct_conf.conf_type_id 
_struct_conf.id 
_struct_conf.pdbx_PDB_helix_id 
_struct_conf.beg_label_comp_id 
_struct_conf.beg_label_asym_id 
_struct_conf.beg_label_seq_id 
_struct_conf.pdbx_beg_PDB_ins_code 
_struct_conf.end_label_comp_id 
_struct_conf.end_label_asym_id 
_struct_conf.end_label_seq_id 
_struct_conf.pdbx_end_PDB_ins_code 
_struct_conf.beg_auth_comp_id 
_struct_conf.beg_auth_asym_id 
_struct_conf.beg_auth_seq_id 
_struct_conf.end_auth_comp_id 
_struct_conf.end_auth_asym_id 
_struct_conf.end_auth_seq_id 
_struct_conf.pdbx_PDB_helix_class 
_struct_conf.details 
_struct_conf.pdbx_PDB_helix_length 
HELX_P HELX_P1 1 SER A 4 ? SER A 53 ? SER A 5 SER A 54 1 ? 50 
HELX_P HELX_P2 2 SER B 4 ? GLY B 52 ? SER B 5 GLY B 53 1 ? 49 
# 
_struct_conf_type.id          HELX_P 
_struct_conf_type.criteria    ? 
_struct_conf_type.reference   ? 
# 
_struct_site.id                   AC1 
_struct_site.pdbx_evidence_code   Software 
_struct_site.pdbx_auth_asym_id    B 
_struct_site.pdbx_auth_comp_id    SO4 
_struct_site.pdbx_auth_seq_id     423 
_struct_site.pdbx_auth_ins_code   ? 
_struct_site.pdbx_num_residues    3 
_struct_site.details              'BINDING SITE FOR RESIDUE SO4 B 423' 
# 
loop_
_struct_site_gen.id 
_struct_site_gen.site_id 
_struct_site_gen.pdbx_num_res 
_struct_site_gen.label_comp_id 
_struct_site_gen.label_asym_id 
_struct_site_gen.label_seq_id 
_struct_site_gen.pdbx_auth_ins_code 
_struct_site_gen.auth_comp_id 
_struct_site_gen.auth_asym_id 
_struct_site_gen.auth_seq_id 
_struct_site_gen.label_atom_id 
_struct_site_gen.label_alt_id 
_struct_site_gen.symmetry 
_struct_site_gen.details 
1 AC1 3 LYS B 16 ? LYS B 17  . ? 1_555 ? 
2 AC1 3 GLN B 49 ? GLN B 50  . ? 2_654 ? 
3 AC1 3 HOH E .  ? HOH B 213 . ? 1_555 ? 
# 
_pdbx_validate_rmsd_angle.id                         1 
_pdbx_validate_rmsd_angle.PDB_model_num              1 
_pdbx_validate_rmsd_angle.auth_atom_id_1             N 
_pdbx_validate_rmsd_angle.auth_asym_id_1             A 
_pdbx_validate_rmsd_angle.auth_comp_id_1             SER 
_pdbx_validate_rmsd_angle.auth_seq_id_1              54 
_pdbx_validate_rmsd_angle.PDB_ins_code_1             ? 
_pdbx_validate_rmsd_angle.label_alt_id_1             ? 
_pdbx_validate_rmsd_angle.auth_atom_id_2             CA 
_pdbx_validate_rmsd_angle.auth_asym_id_2             A 
_pdbx_validate_rmsd_angle.auth_comp_id_2             SER 
_pdbx_validate_rmsd_angle.auth_seq_id_2              54 
_pdbx_validate_rmsd_angle.PDB_ins_code_2             ? 
_pdbx_validate_rmsd_angle.label_alt_id_2             ? 
_pdbx_validate_rmsd_angle.auth_atom_id_3             C 
_pdbx_validate_rmsd_angle.auth_asym_id_3             A 
_pdbx_validate_rmsd_angle.auth_comp_id_3             SER 
_pdbx_validate_rmsd_angle.auth_seq_id_3              54 
_pdbx_validate_rmsd_angle.PDB_ins_code_3             ? 
_pdbx_validate_rmsd_angle.label_alt_id_3             ? 
_pdbx_validate_rmsd_angle.angle_value                134.13 
_pdbx_validate_rmsd_angle.angle_target_value         111.00 
_pdbx_validate_rmsd_angle.angle_deviation            23.13 
_pdbx_validate_rmsd_angle.angle_standard_deviation   2.70 
_pdbx_validate_rmsd_angle.linker_flag                N 
# 
_pdbx_validate_torsion.id              1 
_pdbx_validate_torsion.PDB_model_num   1 
_pdbx_validate_torsion.auth_comp_id    SER 
_pdbx_validate_torsion.auth_asym_id    A 
_pdbx_validate_torsion.auth_seq_id     54 
_pdbx_validate_torsion.PDB_ins_code    ? 
_pdbx_validate_torsion.label_alt_id    ? 
_pdbx_validate_torsion.phi             103.85 
_pdbx_validate_torsion.psi             -68.33 
# 
_pdbx_unobs_or_zero_occ_residues.id               1 
_pdbx_unobs_or_zero_occ_residues.PDB_model_num    1 
_pdbx_unobs_or_zero_occ_residues.polymer_flag     Y 
_pdbx_unobs_or_zero_occ_residues.occupancy_flag   1 
_pdbx_unobs_or_zero_occ_residues.auth_asym_id     B 
_pdbx_unobs_or_zero_occ_residues.auth_comp_id     ALA 
_pdbx_unobs_or_zero_occ_residues.auth_seq_id      2 
_pdbx_unobs_or_zero_occ_residues.PDB_ins_code     ? 
_pdbx_unobs_or_zero_occ_residues.label_asym_id    B 
_pdbx_unobs_or_zero_occ_residues.label_comp_id    ALA 
_pdbx_unobs_or_zero_occ_residues.label_seq_id     1 
# 
loop_
_chem_comp_atom.comp_id 
_chem_comp_atom.atom_id 
_chem_comp_atom.type_symbol 
_chem_comp_atom.pdbx_aromatic_flag 
_chem_comp_atom.pdbx_stereo_config 
_chem_comp_atom.pdbx_ordinal 
ALA N    N N N 1   
ALA CA   C N S 2   
ALA C    C N N 3   
ALA O    O N N 4   
ALA CB   C N N 5   
ALA OXT  O N N 6   
ALA H    H N N 7   
ALA H2   H N N 8   
ALA HA   H N N 9   
ALA HB1  H N N 10  
ALA HB2  H N N 11  
ALA HB3  H N N 12  
ALA HXT  H N N 13  
ARG N    N N N 14  
ARG CA   C N S 15  
ARG C    C N N 16  
ARG O    O N N 17  
ARG CB   C N N 18  
ARG CG   C N N 19  
ARG CD   C N N 20  
ARG NE   N N N 21  
ARG CZ   C N N 22  
ARG NH1  N N N 23  
ARG NH2  N N N 24  
ARG OXT  O N N 25  
ARG H    H N N 26  
ARG H2   H N N 27  
ARG HA   H N N 28  
ARG HB2  H N N 29  
ARG HB3  H N N 30  
ARG HG2  H N N 31  
ARG HG3  H N N 32  
ARG HD2  H N N 33  
ARG HD3  H N N 34  
ARG HE   H N N 35  
ARG HH11 H N N 36  
ARG HH12 H N N 37  
ARG HH21 H N N 38  
ARG HH22 H N N 39  
ARG HXT  H N N 40  
ASN N    N N N 41  
ASN CA   C N S 42  
ASN C    C N N 43  
ASN O    O N N 44  
ASN CB   C N N 45  
ASN CG   C N N 46  
ASN OD1  O N N 47  
ASN ND2  N N N 48  
ASN OXT  O N N 49  
ASN H    H N N 50  
ASN H2   H N N 51  
ASN HA   H N N 52  
ASN HB2  H N N 53  
ASN HB3  H N N 54  
ASN HD21 H N N 55  
ASN HD22 H N N 56  
ASN HXT  H N N 57  
ASP N    N N N 58  
ASP CA   C N S 59  
ASP C    C N N 60  
ASP O    O N N 61  
ASP CB   C N N 62  
ASP CG   C N N 63  
ASP OD1  O N N 64  
ASP OD2  O N N 65  
ASP OXT  O N N 66  
ASP H    H N N 67  
ASP H2   H N N 68  
ASP HA   H N N 69  
ASP HB2  H N N 70  
ASP HB3  H N N 71  
ASP HD2  H N N 72  
ASP HXT  H N N 73  
GLN N    N N N 74  
GLN CA   C N S 75  
GLN C    C N N 76  
GLN O    O N N 77  
GLN CB   C N N 78  
GLN CG   C N N 79  
GLN CD   C N N 80  
GLN OE1  O N N 81  
GLN NE2  N N N 82  
GLN OXT  O N N 83  
GLN H    H N N 84  
GLN H2   H N N 85  
GLN HA   H N N 86  
GLN HB2  H N N 87  
GLN HB3  H N N 88  
GLN HG2  H N N 89  
GLN HG3  H N N 90  
GLN HE21 H N N 91  
GLN HE22 H N N 92  
GLN HXT  H N N 93  
GLU N    N N N 94  
GLU CA   C N S 95  
GLU C    C N N 96  
GLU O    O N N 97  
GLU CB   C N N 98  
GLU CG   C N N 99  
GLU CD   C N N 100 
GLU OE1  O N N 101 
GLU OE2  O N N 102 
GLU OXT  O N N 103 
GLU H    H N N 104 
GLU H2   H N N 105 
GLU HA   H N N 106 
GLU HB2  H N N 107 
GLU HB3  H N N 108 
GLU HG2  H N N 109 
GLU HG3  H N N 110 
GLU HE2  H N N 111 
GLU HXT  H N N 112 
GLY N    N N N 113 
GLY CA   C N N 114 
GLY C    C N N 115 
GLY O    O N N 116 
GLY OXT  O N N 117 
GLY H    H N N 118 
GLY H2   H N N 119 
GLY HA2  H N N 120 
GLY HA3  H N N 121 
GLY HXT  H N N 122 
HIS N    N N N 123 
HIS CA   C N S 124 
HIS C    C N N 125 
HIS O    O N N 126 
HIS CB   C N N 127 
HIS CG   C Y N 128 
HIS ND1  N Y N 129 
HIS CD2  C Y N 130 
HIS CE1  C Y N 131 
HIS NE2  N Y N 132 
HIS OXT  O N N 133 
HIS H    H N N 134 
HIS H2   H N N 135 
HIS HA   H N N 136 
HIS HB2  H N N 137 
HIS HB3  H N N 138 
HIS HD1  H N N 139 
HIS HD2  H N N 140 
HIS HE1  H N N 141 
HIS HE2  H N N 142 
HIS HXT  H N N 143 
HOH O    O N N 144 
HOH H1   H N N 145 
HOH H2   H N N 146 
ILE N    N N N 147 
ILE CA   C N S 148 
ILE C    C N N 149 
ILE O    O N N 150 
ILE CB   C N S 151 
ILE CG1  C N N 152 
ILE CG2  C N N 153 
ILE CD1  C N N 154 
ILE OXT  O N N 155 
ILE H    H N N 156 
ILE H2   H N N 157 
ILE HA   H N N 158 
ILE HB   H N N 159 
ILE HG12 H N N 160 
ILE HG13 H N N 161 
ILE HG21 H N N 162 
ILE HG22 H N N 163 
ILE HG23 H N N 164 
ILE HD11 H N N 165 
ILE HD12 H N N 166 
ILE HD13 H N N 167 
ILE HXT  H N N 168 
LEU N    N N N 169 
LEU CA   C N S 170 
LEU C    C N N 171 
LEU O    O N N 172 
LEU CB   C N N 173 
LEU CG   C N N 174 
LEU CD1  C N N 175 
LEU CD2  C N N 176 
LEU OXT  O N N 177 
LEU H    H N N 178 
LEU H2   H N N 179 
LEU HA   H N N 180 
LEU HB2  H N N 181 
LEU HB3  H N N 182 
LEU HG   H N N 183 
LEU HD11 H N N 184 
LEU HD12 H N N 185 
LEU HD13 H N N 186 
LEU HD21 H N N 187 
LEU HD22 H N N 188 
LEU HD23 H N N 189 
LEU HXT  H N N 190 
LYS N    N N N 191 
LYS CA   C N S 192 
LYS C    C N N 193 
LYS O    O N N 194 
LYS CB   C N N 195 
LYS CG   C N N 196 
LYS CD   C N N 197 
LYS CE   C N N 198 
LYS NZ   N N N 199 
LYS OXT  O N N 200 
LYS H    H N N 201 
LYS H2   H N N 202 
LYS HA   H N N 203 
LYS HB2  H N N 204 
LYS HB3  H N N 205 
LYS HG2  H N N 206 
LYS HG3  H N N 207 
LYS HD2  H N N 208 
LYS HD3  H N N 209 
LYS HE2  H N N 210 
LYS HE3  H N N 211 
LYS HZ1  H N N 212 
LYS HZ2  H N N 213 
LYS HZ3  H N N 214 
LYS HXT  H N N 215 
MET N    N N N 216 
MET CA   C N S 217 
MET C    C N N 218 
MET O    O N N 219 
MET CB   C N N 220 
MET CG   C N N 221 
MET SD   S N N 222 
MET CE   C N N 223 
MET OXT  O N N 224 
MET H    H N N 225 
MET H2   H N N 226 
MET HA   H N N 227 
MET HB2  H N N 228 
MET HB3  H N N 229 
MET HG2  H N N 230 
MET HG3  H N N 231 
MET HE1  H N N 232 
MET HE2  H N N 233 
MET HE3  H N N 234 
MET HXT  H N N 235 
SER N    N N N 236 
SER CA   C N S 237 
SER C    C N N 238 
SER O    O N N 239 
SER CB   C N N 240 
SER OG   O N N 241 
SER OXT  O N N 242 
SER H    H N N 243 
SER H2   H N N 244 
SER HA   H N N 245 
SER HB2  H N N 246 
SER HB3  H N N 247 
SER HG   H N N 248 
SER HXT  H N N 249 
SO4 S    S N N 250 
SO4 O1   O N N 251 
SO4 O2   O N N 252 
SO4 O3   O N N 253 
SO4 O4   O N N 254 
THR N    N N N 255 
THR CA   C N S 256 
THR C    C N N 257 
THR O    O N N 258 
THR CB   C N R 259 
THR OG1  O N N 260 
THR CG2  C N N 261 
THR OXT  O N N 262 
THR H    H N N 263 
THR H2   H N N 264 
THR HA   H N N 265 
THR HB   H N N 266 
THR HG1  H N N 267 
THR HG21 H N N 268 
THR HG22 H N N 269 
THR HG23 H N N 270 
THR HXT  H N N 271 
TYR N    N N N 272 
TYR CA   C N S 273 
TYR C    C N N 274 
TYR O    O N N 275 
TYR CB   C N N 276 
TYR CG   C Y N 277 
TYR CD1  C Y N 278 
TYR CD2  C Y N 279 
TYR CE1  C Y N 280 
TYR CE2  C Y N 281 
TYR CZ   C Y N 282 
TYR OH   O N N 283 
TYR OXT  O N N 284 
TYR H    H N N 285 
TYR H2   H N N 286 
TYR HA   H N N 287 
TYR HB2  H N N 288 
TYR HB3  H N N 289 
TYR HD1  H N N 290 
TYR HD2  H N N 291 
TYR HE1  H N N 292 
TYR HE2  H N N 293 
TYR HH   H N N 294 
TYR HXT  H N N 295 
VAL N    N N N 296 
VAL CA   C N S 297 
VAL C    C N N 298 
VAL O    O N N 299 
VAL CB   C N N 300 
VAL CG1  C N N 301 
VAL CG2  C N N 302 
VAL OXT  O N N 303 
VAL H    H N N 304 
VAL H2   H N N 305 
VAL HA   H N N 306 
VAL HB   H N N 307 
VAL HG11 H N N 308 
VAL HG12 H N N 309 
VAL HG13 H N N 310 
VAL HG21 H N N 311 
VAL HG22 H N N 312 
VAL HG23 H N N 313 
VAL HXT  H N N 314 
# 
loop_
_chem_comp_bond.comp_id 
_chem_comp_bond.atom_id_1 
_chem_comp_bond.atom_id_2 
_chem_comp_bond.value_order 
_chem_comp_bond.pdbx_aromatic_flag 
_chem_comp_bond.pdbx_stereo_config 
_chem_comp_bond.pdbx_ordinal 
ALA N   CA   sing N N 1   
ALA N   H    sing N N 2   
ALA N   H2   sing N N 3   
ALA CA  C    sing N N 4   
ALA CA  CB   sing N N 5   
ALA CA  HA   sing N N 6   
ALA C   O    doub N N 7   
ALA C   OXT  sing N N 8   
ALA CB  HB1  sing N N 9   
ALA CB  HB2  sing N N 10  
ALA CB  HB3  sing N N 11  
ALA OXT HXT  sing N N 12  
ARG N   CA   sing N N 13  
ARG N   H    sing N N 14  
ARG N   H2   sing N N 15  
ARG CA  C    sing N N 16  
ARG CA  CB   sing N N 17  
ARG CA  HA   sing N N 18  
ARG C   O    doub N N 19  
ARG C   OXT  sing N N 20  
ARG CB  CG   sing N N 21  
ARG CB  HB2  sing N N 22  
ARG CB  HB3  sing N N 23  
ARG CG  CD   sing N N 24  
ARG CG  HG2  sing N N 25  
ARG CG  HG3  sing N N 26  
ARG CD  NE   sing N N 27  
ARG CD  HD2  sing N N 28  
ARG CD  HD3  sing N N 29  
ARG NE  CZ   sing N N 30  
ARG NE  HE   sing N N 31  
ARG CZ  NH1  sing N N 32  
ARG CZ  NH2  doub N N 33  
ARG NH1 HH11 sing N N 34  
ARG NH1 HH12 sing N N 35  
ARG NH2 HH21 sing N N 36  
ARG NH2 HH22 sing N N 37  
ARG OXT HXT  sing N N 38  
ASN N   CA   sing N N 39  
ASN N   H    sing N N 40  
ASN N   H2   sing N N 41  
ASN CA  C    sing N N 42  
ASN CA  CB   sing N N 43  
ASN CA  HA   sing N N 44  
ASN C   O    doub N N 45  
ASN C   OXT  sing N N 46  
ASN CB  CG   sing N N 47  
ASN CB  HB2  sing N N 48  
ASN CB  HB3  sing N N 49  
ASN CG  OD1  doub N N 50  
ASN CG  ND2  sing N N 51  
ASN ND2 HD21 sing N N 52  
ASN ND2 HD22 sing N N 53  
ASN OXT HXT  sing N N 54  
ASP N   CA   sing N N 55  
ASP N   H    sing N N 56  
ASP N   H2   sing N N 57  
ASP CA  C    sing N N 58  
ASP CA  CB   sing N N 59  
ASP CA  HA   sing N N 60  
ASP C   O    doub N N 61  
ASP C   OXT  sing N N 62  
ASP CB  CG   sing N N 63  
ASP CB  HB2  sing N N 64  
ASP CB  HB3  sing N N 65  
ASP CG  OD1  doub N N 66  
ASP CG  OD2  sing N N 67  
ASP OD2 HD2  sing N N 68  
ASP OXT HXT  sing N N 69  
GLN N   CA   sing N N 70  
GLN N   H    sing N N 71  
GLN N   H2   sing N N 72  
GLN CA  C    sing N N 73  
GLN CA  CB   sing N N 74  
GLN CA  HA   sing N N 75  
GLN C   O    doub N N 76  
GLN C   OXT  sing N N 77  
GLN CB  CG   sing N N 78  
GLN CB  HB2  sing N N 79  
GLN CB  HB3  sing N N 80  
GLN CG  CD   sing N N 81  
GLN CG  HG2  sing N N 82  
GLN CG  HG3  sing N N 83  
GLN CD  OE1  doub N N 84  
GLN CD  NE2  sing N N 85  
GLN NE2 HE21 sing N N 86  
GLN NE2 HE22 sing N N 87  
GLN OXT HXT  sing N N 88  
GLU N   CA   sing N N 89  
GLU N   H    sing N N 90  
GLU N   H2   sing N N 91  
GLU CA  C    sing N N 92  
GLU CA  CB   sing N N 93  
GLU CA  HA   sing N N 94  
GLU C   O    doub N N 95  
GLU C   OXT  sing N N 96  
GLU CB  CG   sing N N 97  
GLU CB  HB2  sing N N 98  
GLU CB  HB3  sing N N 99  
GLU CG  CD   sing N N 100 
GLU CG  HG2  sing N N 101 
GLU CG  HG3  sing N N 102 
GLU CD  OE1  doub N N 103 
GLU CD  OE2  sing N N 104 
GLU OE2 HE2  sing N N 105 
GLU OXT HXT  sing N N 106 
GLY N   CA   sing N N 107 
GLY N   H    sing N N 108 
GLY N   H2   sing N N 109 
GLY CA  C    sing N N 110 
GLY CA  HA2  sing N N 111 
GLY CA  HA3  sing N N 112 
GLY C   O    doub N N 113 
GLY C   OXT  sing N N 114 
GLY OXT HXT  sing N N 115 
HIS N   CA   sing N N 116 
HIS N   H    sing N N 117 
HIS N   H2   sing N N 118 
HIS CA  C    sing N N 119 
HIS CA  CB   sing N N 120 
HIS CA  HA   sing N N 121 
HIS C   O    doub N N 122 
HIS C   OXT  sing N N 123 
HIS CB  CG   sing N N 124 
HIS CB  HB2  sing N N 125 
HIS CB  HB3  sing N N 126 
HIS CG  ND1  sing Y N 127 
HIS CG  CD2  doub Y N 128 
HIS ND1 CE1  doub Y N 129 
HIS ND1 HD1  sing N N 130 
HIS CD2 NE2  sing Y N 131 
HIS CD2 HD2  sing N N 132 
HIS CE1 NE2  sing Y N 133 
HIS CE1 HE1  sing N N 134 
HIS NE2 HE2  sing N N 135 
HIS OXT HXT  sing N N 136 
HOH O   H1   sing N N 137 
HOH O   H2   sing N N 138 
ILE N   CA   sing N N 139 
ILE N   H    sing N N 140 
ILE N   H2   sing N N 141 
ILE CA  C    sing N N 142 
ILE CA  CB   sing N N 143 
ILE CA  HA   sing N N 144 
ILE C   O    doub N N 145 
ILE C   OXT  sing N N 146 
ILE CB  CG1  sing N N 147 
ILE CB  CG2  sing N N 148 
ILE CB  HB   sing N N 149 
ILE CG1 CD1  sing N N 150 
ILE CG1 HG12 sing N N 151 
ILE CG1 HG13 sing N N 152 
ILE CG2 HG21 sing N N 153 
ILE CG2 HG22 sing N N 154 
ILE CG2 HG23 sing N N 155 
ILE CD1 HD11 sing N N 156 
ILE CD1 HD12 sing N N 157 
ILE CD1 HD13 sing N N 158 
ILE OXT HXT  sing N N 159 
LEU N   CA   sing N N 160 
LEU N   H    sing N N 161 
LEU N   H2   sing N N 162 
LEU CA  C    sing N N 163 
LEU CA  CB   sing N N 164 
LEU CA  HA   sing N N 165 
LEU C   O    doub N N 166 
LEU C   OXT  sing N N 167 
LEU CB  CG   sing N N 168 
LEU CB  HB2  sing N N 169 
LEU CB  HB3  sing N N 170 
LEU CG  CD1  sing N N 171 
LEU CG  CD2  sing N N 172 
LEU CG  HG   sing N N 173 
LEU CD1 HD11 sing N N 174 
LEU CD1 HD12 sing N N 175 
LEU CD1 HD13 sing N N 176 
LEU CD2 HD21 sing N N 177 
LEU CD2 HD22 sing N N 178 
LEU CD2 HD23 sing N N 179 
LEU OXT HXT  sing N N 180 
LYS N   CA   sing N N 181 
LYS N   H    sing N N 182 
LYS N   H2   sing N N 183 
LYS CA  C    sing N N 184 
LYS CA  CB   sing N N 185 
LYS CA  HA   sing N N 186 
LYS C   O    doub N N 187 
LYS C   OXT  sing N N 188 
LYS CB  CG   sing N N 189 
LYS CB  HB2  sing N N 190 
LYS CB  HB3  sing N N 191 
LYS CG  CD   sing N N 192 
LYS CG  HG2  sing N N 193 
LYS CG  HG3  sing N N 194 
LYS CD  CE   sing N N 195 
LYS CD  HD2  sing N N 196 
LYS CD  HD3  sing N N 197 
LYS CE  NZ   sing N N 198 
LYS CE  HE2  sing N N 199 
LYS CE  HE3  sing N N 200 
LYS NZ  HZ1  sing N N 201 
LYS NZ  HZ2  sing N N 202 
LYS NZ  HZ3  sing N N 203 
LYS OXT HXT  sing N N 204 
MET N   CA   sing N N 205 
MET N   H    sing N N 206 
MET N   H2   sing N N 207 
MET CA  C    sing N N 208 
MET CA  CB   sing N N 209 
MET CA  HA   sing N N 210 
MET C   O    doub N N 211 
MET C   OXT  sing N N 212 
MET CB  CG   sing N N 213 
MET CB  HB2  sing N N 214 
MET CB  HB3  sing N N 215 
MET CG  SD   sing N N 216 
MET CG  HG2  sing N N 217 
MET CG  HG3  sing N N 218 
MET SD  CE   sing N N 219 
MET CE  HE1  sing N N 220 
MET CE  HE2  sing N N 221 
MET CE  HE3  sing N N 222 
MET OXT HXT  sing N N 223 
SER N   CA   sing N N 224 
SER N   H    sing N N 225 
SER N   H2   sing N N 226 
SER CA  C    sing N N 227 
SER CA  CB   sing N N 228 
SER CA  HA   sing N N 229 
SER C   O    doub N N 230 
SER C   OXT  sing N N 231 
SER CB  OG   sing N N 232 
SER CB  HB2  sing N N 233 
SER CB  HB3  sing N N 234 
SER OG  HG   sing N N 235 
SER OXT HXT  sing N N 236 
SO4 S   O1   doub N N 237 
SO4 S   O2   doub N N 238 
SO4 S   O3   sing N N 239 
SO4 S   O4   sing N N 240 
THR N   CA   sing N N 241 
THR N   H    sing N N 242 
THR N   H2   sing N N 243 
THR CA  C    sing N N 244 
THR CA  CB   sing N N 245 
THR CA  HA   sing N N 246 
THR C   O    doub N N 247 
THR C   OXT  sing N N 248 
THR CB  OG1  sing N N 249 
THR CB  CG2  sing N N 250 
THR CB  HB   sing N N 251 
THR OG1 HG1  sing N N 252 
THR CG2 HG21 sing N N 253 
THR CG2 HG22 sing N N 254 
THR CG2 HG23 sing N N 255 
THR OXT HXT  sing N N 256 
TYR N   CA   sing N N 257 
TYR N   H    sing N N 258 
TYR N   H2   sing N N 259 
TYR CA  C    sing N N 260 
TYR CA  CB   sing N N 261 
TYR CA  HA   sing N N 262 
TYR C   O    doub N N 263 
TYR C   OXT  sing N N 264 
TYR CB  CG   sing N N 265 
TYR CB  HB2  sing N N 266 
TYR CB  HB3  sing N N 267 
TYR CG  CD1  doub Y N 268 
TYR CG  CD2  sing Y N 269 
TYR CD1 CE1  sing Y N 270 
TYR CD1 HD1  sing N N 271 
TYR CD2 CE2  doub Y N 272 
TYR CD2 HD2  sing N N 273 
TYR CE1 CZ   doub Y N 274 
TYR CE1 HE1  sing N N 275 
TYR CE2 CZ   sing Y N 276 
TYR CE2 HE2  sing N N 277 
TYR CZ  OH   sing N N 278 
TYR OH  HH   sing N N 279 
TYR OXT HXT  sing N N 280 
VAL N   CA   sing N N 281 
VAL N   H    sing N N 282 
VAL N   H2   sing N N 283 
VAL CA  C    sing N N 284 
VAL CA  CB   sing N N 285 
VAL CA  HA   sing N N 286 
VAL C   O    doub N N 287 
VAL C   OXT  sing N N 288 
VAL CB  CG1  sing N N 289 
VAL CB  CG2  sing N N 290 
VAL CB  HB   sing N N 291 
VAL CG1 HG11 sing N N 292 
VAL CG1 HG12 sing N N 293 
VAL CG1 HG13 sing N N 294 
VAL CG2 HG21 sing N N 295 
VAL CG2 HG22 sing N N 296 
VAL CG2 HG23 sing N N 297 
VAL OXT HXT  sing N N 298 
# 
_atom_sites.entry_id                    1DEB 
_atom_sites.fract_transf_matrix[1][1]   0.00222766 
_atom_sites.fract_transf_matrix[1][2]   0.01613196 
_atom_sites.fract_transf_matrix[1][3]   0.00575088 
_atom_sites.fract_transf_matrix[2][1]   0.01499281 
_atom_sites.fract_transf_matrix[2][2]   0.00813566 
_atom_sites.fract_transf_matrix[2][3]   -0.00269811 
_atom_sites.fract_transf_matrix[3][1]   -0.00274288 
_atom_sites.fract_transf_matrix[3][2]   0.00280117 
_atom_sites.fract_transf_matrix[3][3]   -0.00679515 
_atom_sites.fract_transf_vector[1]      0.722367 
_atom_sites.fract_transf_vector[2]      0.134267 
_atom_sites.fract_transf_vector[3]      0.029933 
# 
loop_
_atom_type.symbol 
C 
N 
O 
S 
# 
loop_
_atom_site.group_PDB 
_atom_site.id 
_atom_site.type_symbol 
_atom_site.label_atom_id 
_atom_site.label_alt_id 
_atom_site.label_comp_id 
_atom_site.label_asym_id 
_atom_site.label_entity_id 
_atom_site.label_seq_id 
_atom_site.pdbx_PDB_ins_code 
_atom_site.Cartn_x 
_atom_site.Cartn_y 
_atom_site.Cartn_z 
_atom_site.occupancy 
_atom_site.B_iso_or_equiv 
_atom_site.pdbx_formal_charge 
_atom_site.auth_seq_id 
_atom_site.auth_comp_id 
_atom_site.auth_asym_id 
_atom_site.auth_atom_id 
_atom_site.pdbx_PDB_model_num 
ATOM   1   N N   . ALA A 1 1  ? 23.096  -7.463  28.239  1.00 40.52 ? 2   ALA A N   1 
ATOM   2   C CA  . ALA A 1 1  ? 22.099  -7.014  29.261  1.00 40.64 ? 2   ALA A CA  1 
ATOM   3   C C   . ALA A 1 1  ? 20.998  -6.157  28.627  1.00 40.09 ? 2   ALA A C   1 
ATOM   4   O O   . ALA A 1 1  ? 21.093  -5.772  27.460  1.00 40.93 ? 2   ALA A O   1 
ATOM   5   C CB  . ALA A 1 1  ? 22.806  -6.240  30.368  1.00 40.00 ? 2   ALA A CB  1 
ATOM   6   N N   . ALA A 1 2  ? 19.958  -5.857  29.403  1.00 39.93 ? 3   ALA A N   1 
ATOM   7   C CA  . ALA A 1 2  ? 18.822  -5.072  28.920  1.00 37.44 ? 3   ALA A CA  1 
ATOM   8   C C   . ALA A 1 2  ? 19.126  -3.594  28.718  1.00 36.62 ? 3   ALA A C   1 
ATOM   9   O O   . ALA A 1 2  ? 19.902  -3.002  29.468  1.00 36.37 ? 3   ALA A O   1 
ATOM   10  C CB  . ALA A 1 2  ? 17.652  -5.221  29.876  1.00 35.87 ? 3   ALA A CB  1 
ATOM   11  N N   . ALA A 1 3  ? 18.488  -3.008  27.706  1.00 35.70 ? 4   ALA A N   1 
ATOM   12  C CA  . ALA A 1 3  ? 18.649  -1.597  27.371  1.00 34.28 ? 4   ALA A CA  1 
ATOM   13  C C   . ALA A 1 3  ? 18.333  -0.715  28.563  1.00 34.16 ? 4   ALA A C   1 
ATOM   14  O O   . ALA A 1 3  ? 17.535  -1.083  29.412  1.00 36.77 ? 4   ALA A O   1 
ATOM   15  C CB  . ALA A 1 3  ? 17.731  -1.242  26.236  1.00 33.38 ? 4   ALA A CB  1 
ATOM   16  N N   . SER A 1 4  ? 18.959  0.451   28.630  1.00 32.97 ? 5   SER A N   1 
ATOM   17  C CA  . SER A 1 4  ? 18.688  1.378   29.715  1.00 31.98 ? 5   SER A CA  1 
ATOM   18  C C   . SER A 1 4  ? 17.329  2.007   29.410  1.00 31.22 ? 5   SER A C   1 
ATOM   19  O O   . SER A 1 4  ? 16.725  1.743   28.369  1.00 31.15 ? 5   SER A O   1 
ATOM   20  C CB  . SER A 1 4  ? 19.734  2.483   29.735  1.00 32.88 ? 5   SER A CB  1 
ATOM   21  O OG  . SER A 1 4  ? 19.618  3.265   28.554  1.00 35.01 ? 5   SER A OG  1 
ATOM   22  N N   . TYR A 1 5  ? 16.857  2.852   30.312  1.00 29.87 ? 6   TYR A N   1 
ATOM   23  C CA  . TYR A 1 5  ? 15.587  3.525   30.111  1.00 28.47 ? 6   TYR A CA  1 
ATOM   24  C C   . TYR A 1 5  ? 15.710  4.473   28.910  1.00 28.08 ? 6   TYR A C   1 
ATOM   25  O O   . TYR A 1 5  ? 14.760  4.650   28.148  1.00 27.29 ? 6   TYR A O   1 
ATOM   26  C CB  . TYR A 1 5  ? 15.212  4.317   31.372  1.00 27.26 ? 6   TYR A CB  1 
ATOM   27  C CG  . TYR A 1 5  ? 13.877  5.025   31.292  1.00 25.53 ? 6   TYR A CG  1 
ATOM   28  C CD1 . TYR A 1 5  ? 12.710  4.413   31.754  1.00 26.49 ? 6   TYR A CD1 1 
ATOM   29  C CD2 . TYR A 1 5  ? 13.776  6.301   30.743  1.00 23.57 ? 6   TYR A CD2 1 
ATOM   30  C CE1 . TYR A 1 5  ? 11.471  5.061   31.668  1.00 26.05 ? 6   TYR A CE1 1 
ATOM   31  C CE2 . TYR A 1 5  ? 12.545  6.952   30.648  1.00 25.85 ? 6   TYR A CE2 1 
ATOM   32  C CZ  . TYR A 1 5  ? 11.402  6.325   31.114  1.00 26.09 ? 6   TYR A CZ  1 
ATOM   33  O OH  . TYR A 1 5  ? 10.190  6.960   30.989  1.00 31.36 ? 6   TYR A OH  1 
ATOM   34  N N   . ASP A 1 6  ? 16.885  5.076   28.747  1.00 28.21 ? 7   ASP A N   1 
ATOM   35  C CA  . ASP A 1 6  ? 17.109  6.006   27.646  1.00 29.50 ? 7   ASP A CA  1 
ATOM   36  C C   . ASP A 1 6  ? 17.262  5.322   26.291  1.00 27.23 ? 7   ASP A C   1 
ATOM   37  O O   . ASP A 1 6  ? 16.876  5.868   25.268  1.00 25.20 ? 7   ASP A O   1 
ATOM   38  C CB  . ASP A 1 6  ? 18.335  6.876   27.930  1.00 31.81 ? 7   ASP A CB  1 
ATOM   39  C CG  . ASP A 1 6  ? 18.136  7.772   29.140  1.00 36.88 ? 7   ASP A CG  1 
ATOM   40  O OD1 . ASP A 1 6  ? 17.207  8.617   29.099  1.00 39.13 ? 7   ASP A OD1 1 
ATOM   41  O OD2 . ASP A 1 6  ? 18.898  7.630   30.131  1.00 36.79 ? 7   ASP A OD2 1 
ATOM   42  N N   . GLN A 1 7  ? 17.831  4.131   26.284  1.00 26.76 ? 8   GLN A N   1 
ATOM   43  C CA  . GLN A 1 7  ? 17.990  3.410   25.038  1.00 27.86 ? 8   GLN A CA  1 
ATOM   44  C C   . GLN A 1 7  ? 16.616  2.979   24.541  1.00 26.07 ? 8   GLN A C   1 
ATOM   45  O O   . GLN A 1 7  ? 16.330  3.023   23.348  1.00 26.80 ? 8   GLN A O   1 
ATOM   46  C CB  . GLN A 1 7  ? 18.943  2.235   25.260  1.00 27.47 ? 8   GLN A CB  1 
ATOM   47  C CG  . GLN A 1 7  ? 20.297  2.779   25.697  1.00 31.13 ? 8   GLN A CG  1 
ATOM   48  C CD  . GLN A 1 7  ? 21.253  1.748   26.272  1.00 32.52 ? 8   GLN A CD  1 
ATOM   49  O OE1 . GLN A 1 7  ? 20.857  0.865   27.028  1.00 32.97 ? 8   GLN A OE1 1 
ATOM   50  N NE2 . GLN A 1 7  ? 22.534  1.880   25.934  1.00 32.45 ? 8   GLN A NE2 1 
ATOM   51  N N   . LEU A 1 8  ? 15.746  2.605   25.467  1.00 27.04 ? 9   LEU A N   1 
ATOM   52  C CA  . LEU A 1 8  ? 14.399  2.197   25.093  1.00 26.31 ? 9   LEU A CA  1 
ATOM   53  C C   . LEU A 1 8  ? 13.666  3.390   24.523  1.00 26.01 ? 9   LEU A C   1 
ATOM   54  O O   . LEU A 1 8  ? 12.967  3.289   23.512  1.00 25.26 ? 9   LEU A O   1 
ATOM   55  C CB  . LEU A 1 8  ? 13.627  1.697   26.303  1.00 25.93 ? 9   LEU A CB  1 
ATOM   56  C CG  . LEU A 1 8  ? 13.912  0.281   26.760  1.00 27.65 ? 9   LEU A CG  1 
ATOM   57  C CD1 . LEU A 1 8  ? 12.873  -0.104  27.800  1.00 27.06 ? 9   LEU A CD1 1 
ATOM   58  C CD2 . LEU A 1 8  ? 13.830  -0.675  25.570  1.00 26.65 ? 9   LEU A CD2 1 
ATOM   59  N N   . LEU A 1 9  ? 13.824  4.525   25.185  1.00 24.08 ? 10  LEU A N   1 
ATOM   60  C CA  . LEU A 1 9  ? 13.148  5.716   24.731  1.00 26.07 ? 10  LEU A CA  1 
ATOM   61  C C   . LEU A 1 9  ? 13.530  5.981   23.289  1.00 25.12 ? 10  LEU A C   1 
ATOM   62  O O   . LEU A 1 9  ? 12.693  6.374   22.488  1.00 26.10 ? 10  LEU A O   1 
ATOM   63  C CB  . LEU A 1 9  ? 13.510  6.913   25.609  1.00 27.27 ? 10  LEU A CB  1 
ATOM   64  C CG  . LEU A 1 9  ? 12.824  8.196   25.140  1.00 32.29 ? 10  LEU A CG  1 
ATOM   65  C CD1 . LEU A 1 9  ? 11.300  8.002   25.144  1.00 31.38 ? 10  LEU A CD1 1 
ATOM   66  C CD2 . LEU A 1 9  ? 13.231  9.363   26.038  1.00 34.38 ? 10  LEU A CD2 1 
ATOM   67  N N   . LYS A 1 10 ? 14.794  5.770   22.953  1.00 22.67 ? 11  LYS A N   1 
ATOM   68  C CA  . LYS A 1 10 ? 15.218  5.985   21.583  1.00 24.36 ? 11  LYS A CA  1 
ATOM   69  C C   . LYS A 1 10 ? 14.574  4.975   20.628  1.00 23.11 ? 11  LYS A C   1 
ATOM   70  O O   . LYS A 1 10 ? 14.234  5.313   19.493  1.00 22.71 ? 11  LYS A O   1 
ATOM   71  C CB  . LYS A 1 10 ? 16.739  5.903   21.472  1.00 26.04 ? 11  LYS A CB  1 
ATOM   72  C CG  . LYS A 1 10 ? 17.460  7.130   22.002  1.00 27.91 ? 11  LYS A CG  1 
ATOM   73  C CD  . LYS A 1 10 ? 18.950  6.989   21.769  1.00 31.66 ? 11  LYS A CD  1 
ATOM   74  C CE  . LYS A 1 10 ? 19.707  8.228   22.198  1.00 33.96 ? 11  LYS A CE  1 
ATOM   75  N NZ  . LYS A 1 10 ? 21.177  8.087   21.943  1.00 37.57 ? 11  LYS A NZ  1 
ATOM   76  N N   . GLN A 1 11 ? 14.419  3.736   21.080  1.00 21.21 ? 12  GLN A N   1 
ATOM   77  C CA  . GLN A 1 11 ? 13.808  2.720   20.237  1.00 19.89 ? 12  GLN A CA  1 
ATOM   78  C C   . GLN A 1 11 ? 12.371  3.122   19.946  1.00 19.09 ? 12  GLN A C   1 
ATOM   79  O O   . GLN A 1 11 ? 11.913  3.054   18.803  1.00 19.13 ? 12  GLN A O   1 
ATOM   80  C CB  . GLN A 1 11 ? 13.836  1.349   20.927  1.00 17.83 ? 12  GLN A CB  1 
ATOM   81  C CG  . GLN A 1 11 ? 15.198  0.685   20.938  1.00 16.01 ? 12  GLN A CG  1 
ATOM   82  C CD  . GLN A 1 11 ? 15.175  -0.734  21.524  1.00 19.81 ? 12  GLN A CD  1 
ATOM   83  O OE1 . GLN A 1 11 ? 14.247  -1.524  21.286  1.00 17.16 ? 12  GLN A OE1 1 
ATOM   84  N NE2 . GLN A 1 11 ? 16.210  -1.063  22.283  1.00 17.34 ? 12  GLN A NE2 1 
ATOM   85  N N   . VAL A 1 12 ? 11.669  3.557   20.987  1.00 18.53 ? 13  VAL A N   1 
ATOM   86  C CA  . VAL A 1 12 ? 10.276  3.951   20.853  1.00 18.84 ? 13  VAL A CA  1 
ATOM   87  C C   . VAL A 1 12 ? 10.136  5.095   19.866  1.00 19.51 ? 13  VAL A C   1 
ATOM   88  O O   . VAL A 1 12 ? 9.244   5.081   19.019  1.00 21.08 ? 13  VAL A O   1 
ATOM   89  C CB  . VAL A 1 12 ? 9.667   4.331   22.239  1.00 19.64 ? 13  VAL A CB  1 
ATOM   90  C CG1 . VAL A 1 12 ? 8.294   4.956   22.077  1.00 19.52 ? 13  VAL A CG1 1 
ATOM   91  C CG2 . VAL A 1 12 ? 9.544   3.067   23.099  1.00 18.50 ? 13  VAL A CG2 1 
ATOM   92  N N   . GLU A 1 13 ? 11.022  6.077   19.959  1.00 18.11 ? 14  GLU A N   1 
ATOM   93  C CA  . GLU A 1 13 ? 10.974  7.207   19.043  1.00 19.05 ? 14  GLU A CA  1 
ATOM   94  C C   . GLU A 1 13 ? 11.118  6.769   17.582  1.00 17.55 ? 14  GLU A C   1 
ATOM   95  O O   . GLU A 1 13 ? 10.390  7.237   16.712  1.00 16.18 ? 14  GLU A O   1 
ATOM   96  C CB  . GLU A 1 13 ? 12.071  8.216   19.397  1.00 19.87 ? 14  GLU A CB  1 
ATOM   97  C CG  . GLU A 1 13 ? 11.786  8.964   20.705  1.00 27.45 ? 14  GLU A CG  1 
ATOM   98  C CD  . GLU A 1 13 ? 12.991  9.748   21.209  1.00 30.70 ? 14  GLU A CD  1 
ATOM   99  O OE1 . GLU A 1 13 ? 13.852  10.116  20.383  1.00 30.34 ? 14  GLU A OE1 1 
ATOM   100 O OE2 . GLU A 1 13 ? 13.071  10.005  22.429  1.00 34.39 ? 14  GLU A OE2 1 
ATOM   101 N N   . ALA A 1 14 ? 12.056  5.874   17.313  1.00 16.20 ? 15  ALA A N   1 
ATOM   102 C CA  . ALA A 1 14 ? 12.273  5.408   15.949  1.00 15.68 ? 15  ALA A CA  1 
ATOM   103 C C   . ALA A 1 14 ? 11.136  4.482   15.515  1.00 15.43 ? 15  ALA A C   1 
ATOM   104 O O   . ALA A 1 14 ? 10.715  4.494   14.354  1.00 14.52 ? 15  ALA A O   1 
ATOM   105 C CB  . ALA A 1 14 ? 13.614  4.691   15.851  1.00 14.73 ? 15  ALA A CB  1 
ATOM   106 N N   . LEU A 1 15 ? 10.627  3.689   16.449  1.00 14.23 ? 16  LEU A N   1 
ATOM   107 C CA  . LEU A 1 15 ? 9.531   2.770   16.134  1.00 14.37 ? 16  LEU A CA  1 
ATOM   108 C C   . LEU A 1 15 ? 8.256   3.531   15.769  1.00 14.70 ? 16  LEU A C   1 
ATOM   109 O O   . LEU A 1 15 ? 7.568   3.177   14.815  1.00 12.09 ? 16  LEU A O   1 
ATOM   110 C CB  . LEU A 1 15 ? 9.284   1.822   17.319  1.00 14.43 ? 16  LEU A CB  1 
ATOM   111 C CG  . LEU A 1 15 ? 10.313  0.694   17.410  1.00 15.60 ? 16  LEU A CG  1 
ATOM   112 C CD1 . LEU A 1 15 ? 10.198  -0.048  18.743  1.00 18.68 ? 16  LEU A CD1 1 
ATOM   113 C CD2 . LEU A 1 15 ? 10.073  -0.268  16.250  1.00 16.06 ? 16  LEU A CD2 1 
ATOM   114 N N   . LYS A 1 16 ? 7.958   4.581   16.531  1.00 16.33 ? 17  LYS A N   1 
ATOM   115 C CA  . LYS A 1 16 ? 6.792   5.422   16.281  1.00 19.74 ? 17  LYS A CA  1 
ATOM   116 C C   . LYS A 1 16 ? 6.896   6.111   14.918  1.00 19.39 ? 17  LYS A C   1 
ATOM   117 O O   . LYS A 1 16 ? 5.898   6.285   14.206  1.00 20.70 ? 17  LYS A O   1 
ATOM   118 C CB  . LYS A 1 16 ? 6.670   6.535   17.342  1.00 22.94 ? 17  LYS A CB  1 
ATOM   119 C CG  . LYS A 1 16 ? 6.228   6.112   18.729  1.00 26.46 ? 17  LYS A CG  1 
ATOM   120 C CD  . LYS A 1 16 ? 6.090   7.352   19.619  1.00 29.81 ? 17  LYS A CD  1 
ATOM   121 C CE  . LYS A 1 16 ? 5.768   6.986   21.064  1.00 32.43 ? 17  LYS A CE  1 
ATOM   122 N NZ  . LYS A 1 16 ? 5.809   8.173   21.977  1.00 32.94 ? 17  LYS A NZ  1 
ATOM   123 N N   . MET A 1 17 ? 8.089   6.549   14.556  1.00 17.70 ? 18  MET A N   1 
ATOM   124 C CA  . MET A 1 17 ? 8.202   7.247   13.280  1.00 17.93 ? 18  MET A CA  1 
ATOM   125 C C   . MET A 1 17 ? 8.025   6.227   12.160  1.00 16.28 ? 18  MET A C   1 
ATOM   126 O O   . MET A 1 17 ? 7.307   6.465   11.191  1.00 16.72 ? 18  MET A O   1 
ATOM   127 C CB  . MET A 1 17 ? 9.536   7.992   13.201  1.00 20.13 ? 18  MET A CB  1 
ATOM   128 C CG  . MET A 1 17 ? 9.786   8.722   11.885  1.00 24.42 ? 18  MET A CG  1 
ATOM   129 S SD  . MET A 1 17 ? 10.378  7.587   10.623  1.00 30.92 ? 18  MET A SD  1 
ATOM   130 C CE  . MET A 1 17 ? 11.895  6.991   11.390  1.00 27.62 ? 18  MET A CE  1 
ATOM   131 N N   . GLU A 1 18 ? 8.647   5.075   12.321  1.00 13.70 ? 19  GLU A N   1 
ATOM   132 C CA  . GLU A 1 18 ? 8.524   4.016   11.351  1.00 14.87 ? 19  GLU A CA  1 
ATOM   133 C C   . GLU A 1 18 ? 7.042   3.665   11.219  1.00 14.43 ? 19  GLU A C   1 
ATOM   134 O O   . GLU A 1 18 ? 6.527   3.594   10.102  1.00 14.11 ? 19  GLU A O   1 
ATOM   135 C CB  . GLU A 1 18 ? 9.350   2.802   11.801  1.00 13.54 ? 19  GLU A CB  1 
ATOM   136 C CG  . GLU A 1 18 ? 9.276   1.576   10.894  1.00 12.95 ? 19  GLU A CG  1 
ATOM   137 C CD  . GLU A 1 18 ? 10.221  0.481   11.356  1.00 15.49 ? 19  GLU A CD  1 
ATOM   138 O OE1 . GLU A 1 18 ? 10.471  0.383   12.581  1.00 15.05 ? 19  GLU A OE1 1 
ATOM   139 O OE2 . GLU A 1 18 ? 10.721  -0.281  10.508  1.00 15.93 ? 19  GLU A OE2 1 
ATOM   140 N N   . ASN A 1 19 ? 6.354   3.470   12.348  1.00 15.28 ? 20  ASN A N   1 
ATOM   141 C CA  . ASN A 1 19 ? 4.928   3.152   12.314  1.00 14.27 ? 20  ASN A CA  1 
ATOM   142 C C   . ASN A 1 19 ? 4.161   4.225   11.585  1.00 13.24 ? 20  ASN A C   1 
ATOM   143 O O   . ASN A 1 19 ? 3.248   3.913   10.847  1.00 14.14 ? 20  ASN A O   1 
ATOM   144 C CB  . ASN A 1 19 ? 4.323   3.002   13.716  1.00 17.09 ? 20  ASN A CB  1 
ATOM   145 C CG  . ASN A 1 19 ? 2.831   2.687   13.678  1.00 16.79 ? 20  ASN A CG  1 
ATOM   146 O OD1 . ASN A 1 19 ? 2.007   3.577   13.518  1.00 21.51 ? 20  ASN A OD1 1 
ATOM   147 N ND2 . ASN A 1 19 ? 2.490   1.417   13.804  1.00 18.67 ? 20  ASN A ND2 1 
ATOM   148 N N   . SER A 1 20 ? 4.510   5.487   11.796  1.00 12.56 ? 21  SER A N   1 
ATOM   149 C CA  . SER A 1 20 ? 3.809   6.560   11.098  1.00 13.96 ? 21  SER A CA  1 
ATOM   150 C C   . SER A 1 20 ? 4.083   6.493   9.593   1.00 15.16 ? 21  SER A C   1 
ATOM   151 O O   . SER A 1 20 ? 3.187   6.748   8.773   1.00 13.74 ? 21  SER A O   1 
ATOM   152 C CB  . SER A 1 20 ? 4.229   7.929   11.632  1.00 12.93 ? 21  SER A CB  1 
ATOM   153 O OG  . SER A 1 20 ? 3.993   8.017   13.023  1.00 19.61 ? 21  SER A OG  1 
ATOM   154 N N   . ASN A 1 21 ? 5.309   6.131   9.225   1.00 14.13 ? 22  ASN A N   1 
ATOM   155 C CA  . ASN A 1 21 ? 5.651   6.060   7.813   1.00 15.15 ? 22  ASN A CA  1 
ATOM   156 C C   . ASN A 1 21 ? 4.974   4.874   7.128   1.00 16.92 ? 22  ASN A C   1 
ATOM   157 O O   . ASN A 1 21 ? 4.480   5.012   6.005   1.00 13.34 ? 22  ASN A O   1 
ATOM   158 C CB  . ASN A 1 21 ? 7.174   6.026   7.637   1.00 14.99 ? 22  ASN A CB  1 
ATOM   159 C CG  . ASN A 1 21 ? 7.788   7.441   7.589   1.00 17.29 ? 22  ASN A CG  1 
ATOM   160 O OD1 . ASN A 1 21 ? 7.123   8.428   7.922   1.00 16.28 ? 22  ASN A OD1 1 
ATOM   161 N ND2 . ASN A 1 21 ? 9.048   7.538   7.162   1.00 15.81 ? 22  ASN A ND2 1 
ATOM   162 N N   . LEU A 1 22 ? 4.938   3.723   7.804   1.00 16.89 ? 23  LEU A N   1 
ATOM   163 C CA  . LEU A 1 22 ? 4.278   2.552   7.251   1.00 17.82 ? 23  LEU A CA  1 
ATOM   164 C C   . LEU A 1 22 ? 2.797   2.872   6.984   1.00 17.35 ? 23  LEU A C   1 
ATOM   165 O O   . LEU A 1 22 ? 2.283   2.545   5.925   1.00 19.23 ? 23  LEU A O   1 
ATOM   166 C CB  . LEU A 1 22 ? 4.430   1.357   8.206   1.00 15.97 ? 23  LEU A CB  1 
ATOM   167 C CG  . LEU A 1 22 ? 5.862   0.780   8.262   1.00 18.59 ? 23  LEU A CG  1 
ATOM   168 C CD1 . LEU A 1 22 ? 5.990   -0.215  9.416   1.00 16.54 ? 23  LEU A CD1 1 
ATOM   169 C CD2 . LEU A 1 22 ? 6.248   0.103   6.928   1.00 11.64 ? 23  LEU A CD2 1 
ATOM   170 N N   . ARG A 1 23 ? 2.126   3.536   7.924   1.00 17.94 ? 24  ARG A N   1 
ATOM   171 C CA  . ARG A 1 23 ? 0.722   3.911   7.736   1.00 18.90 ? 24  ARG A CA  1 
ATOM   172 C C   . ARG A 1 23 ? 0.555   4.824   6.530   1.00 18.72 ? 24  ARG A C   1 
ATOM   173 O O   . ARG A 1 23 ? -0.401  4.706   5.775   1.00 18.65 ? 24  ARG A O   1 
ATOM   174 C CB  . ARG A 1 23 ? 0.184   4.629   8.970   1.00 19.59 ? 24  ARG A CB  1 
ATOM   175 C CG  . ARG A 1 23 ? -0.047  3.718   10.151  1.00 24.28 ? 24  ARG A CG  1 
ATOM   176 C CD  . ARG A 1 23 ? -0.251  4.493   11.436  1.00 27.07 ? 24  ARG A CD  1 
ATOM   177 N NE  . ARG A 1 23 ? -0.554  3.594   12.544  1.00 31.54 ? 24  ARG A NE  1 
ATOM   178 C CZ  . ARG A 1 23 ? -1.771  3.383   13.041  1.00 34.61 ? 24  ARG A CZ  1 
ATOM   179 N NH1 . ARG A 1 23 ? -2.825  4.014   12.531  1.00 33.64 ? 24  ARG A NH1 1 
ATOM   180 N NH2 . ARG A 1 23 ? -1.935  2.527   14.048  1.00 32.97 ? 24  ARG A NH2 1 
ATOM   181 N N   . GLN A 1 24 ? 1.481   5.765   6.368   1.00 19.53 ? 25  GLN A N   1 
ATOM   182 C CA  . GLN A 1 24 ? 1.440   6.683   5.236   1.00 17.40 ? 25  GLN A CA  1 
ATOM   183 C C   . GLN A 1 24 ? 1.528   5.875   3.926   1.00 18.02 ? 25  GLN A C   1 
ATOM   184 O O   . GLN A 1 24 ? 0.796   6.120   2.954   1.00 16.96 ? 25  GLN A O   1 
ATOM   185 C CB  . GLN A 1 24 ? 2.619   7.651   5.317   1.00 16.73 ? 25  GLN A CB  1 
ATOM   186 C CG  . GLN A 1 24 ? 2.528   8.696   6.411   1.00 18.41 ? 25  GLN A CG  1 
ATOM   187 C CD  . GLN A 1 24 ? 1.377   9.652   6.182   1.00 21.97 ? 25  GLN A CD  1 
ATOM   188 O OE1 . GLN A 1 24 ? 1.224   10.198  5.091   1.00 25.82 ? 25  GLN A OE1 1 
ATOM   189 N NE2 . GLN A 1 24 ? 0.566   9.863   7.201   1.00 18.94 ? 25  GLN A NE2 1 
ATOM   190 N N   . GLU A 1 25 ? 2.417   4.893   3.917   1.00 15.35 ? 26  GLU A N   1 
ATOM   191 C CA  . GLU A 1 25 ? 2.609   4.063   2.741   1.00 18.09 ? 26  GLU A CA  1 
ATOM   192 C C   . GLU A 1 25 ? 1.375   3.259   2.390   1.00 18.23 ? 26  GLU A C   1 
ATOM   193 O O   . GLU A 1 25 ? 0.972   3.215   1.241   1.00 17.74 ? 26  GLU A O   1 
ATOM   194 C CB  . GLU A 1 25 ? 3.777   3.116   2.954   1.00 17.41 ? 26  GLU A CB  1 
ATOM   195 C CG  . GLU A 1 25 ? 5.115   3.838   3.038   1.00 21.10 ? 26  GLU A CG  1 
ATOM   196 C CD  . GLU A 1 25 ? 6.265   2.888   3.411   1.00 25.30 ? 26  GLU A CD  1 
ATOM   197 O OE1 . GLU A 1 25 ? 6.223   1.681   2.987   1.00 22.19 ? 26  GLU A OE1 1 
ATOM   198 O OE2 . GLU A 1 25 ? 7.199   3.367   4.113   1.00 21.34 ? 26  GLU A OE2 1 
ATOM   199 N N   . LEU A 1 26 ? 0.793   2.607   3.386   1.00 19.08 ? 27  LEU A N   1 
ATOM   200 C CA  . LEU A 1 26 ? -0.390  1.785   3.180   1.00 20.07 ? 27  LEU A CA  1 
ATOM   201 C C   . LEU A 1 26 ? -1.527  2.667   2.664   1.00 20.01 ? 27  LEU A C   1 
ATOM   202 O O   . LEU A 1 26 ? -2.267  2.298   1.764   1.00 20.21 ? 27  LEU A O   1 
ATOM   203 C CB  . LEU A 1 26 ? -0.780  1.129   4.503   1.00 18.70 ? 27  LEU A CB  1 
ATOM   204 C CG  . LEU A 1 26 ? -2.015  0.234   4.440   1.00 18.49 ? 27  LEU A CG  1 
ATOM   205 C CD1 . LEU A 1 26 ? -1.754  -0.966  3.543   1.00 16.21 ? 27  LEU A CD1 1 
ATOM   206 C CD2 . LEU A 1 26 ? -2.368  -0.215  5.848   1.00 17.51 ? 27  LEU A CD2 1 
ATOM   207 N N   . GLU A 1 27 ? -1.620  3.856   3.231   1.00 19.17 ? 28  GLU A N   1 
ATOM   208 C CA  . GLU A 1 27 ? -2.627  4.833   2.877   1.00 19.48 ? 28  GLU A CA  1 
ATOM   209 C C   . GLU A 1 27 ? -2.437  5.237   1.414   1.00 18.36 ? 28  GLU A C   1 
ATOM   210 O O   . GLU A 1 27 ? -3.394  5.308   0.646   1.00 18.32 ? 28  GLU A O   1 
ATOM   211 C CB  . GLU A 1 27 ? -2.456  6.035   3.803   1.00 23.71 ? 28  GLU A CB  1 
ATOM   212 C CG  . GLU A 1 27 ? -3.608  7.023   3.866   1.00 31.06 ? 28  GLU A CG  1 
ATOM   213 C CD  . GLU A 1 27 ? -3.311  8.196   4.816   1.00 36.38 ? 28  GLU A CD  1 
ATOM   214 O OE1 . GLU A 1 27 ? -2.866  7.935   5.961   1.00 35.75 ? 28  GLU A OE1 1 
ATOM   215 O OE2 . GLU A 1 27 ? -3.533  9.371   4.423   1.00 37.21 ? 28  GLU A OE2 1 
ATOM   216 N N   . ASP A 1 28 ? -1.187  5.488   1.039   1.00 16.41 ? 29  ASP A N   1 
ATOM   217 C CA  . ASP A 1 28 ? -0.811  5.884   -0.321  1.00 17.04 ? 29  ASP A CA  1 
ATOM   218 C C   . ASP A 1 28 ? -1.218  4.771   -1.283  1.00 18.01 ? 29  ASP A C   1 
ATOM   219 O O   . ASP A 1 28 ? -1.965  4.972   -2.248  1.00 17.48 ? 29  ASP A O   1 
ATOM   220 C CB  . ASP A 1 28 ? 0.714   6.057   -0.373  1.00 18.58 ? 29  ASP A CB  1 
ATOM   221 C CG  . ASP A 1 28 ? 1.218   6.758   -1.636  1.00 19.98 ? 29  ASP A CG  1 
ATOM   222 O OD1 . ASP A 1 28 ? 0.491   6.841   -2.656  1.00 16.39 ? 29  ASP A OD1 1 
ATOM   223 O OD2 . ASP A 1 28 ? 2.388   7.222   -1.603  1.00 21.96 ? 29  ASP A OD2 1 
ATOM   224 N N   . ASN A 1 29 ? -0.724  3.582   -0.986  1.00 18.55 ? 30  ASN A N   1 
ATOM   225 C CA  . ASN A 1 29 ? -0.964  2.423   -1.808  1.00 20.84 ? 30  ASN A CA  1 
ATOM   226 C C   . ASN A 1 29 ? -2.404  1.997   -1.853  1.00 20.57 ? 30  ASN A C   1 
ATOM   227 O O   . ASN A 1 29 ? -2.879  1.509   -2.882  1.00 20.13 ? 30  ASN A O   1 
ATOM   228 C CB  . ASN A 1 29 ? -0.044  1.283   -1.355  1.00 21.88 ? 30  ASN A CB  1 
ATOM   229 C CG  . ASN A 1 29 ? 1.401   1.571   -1.703  1.00 25.11 ? 30  ASN A CG  1 
ATOM   230 O OD1 . ASN A 1 29 ? 1.670   2.526   -2.435  1.00 30.36 ? 30  ASN A OD1 1 
ATOM   231 N ND2 . ASN A 1 29 ? 2.332   0.762   -1.205  1.00 24.75 ? 30  ASN A ND2 1 
ATOM   232 N N   . SER A 1 30 ? -3.112  2.189   -0.751  1.00 21.22 ? 31  SER A N   1 
ATOM   233 C CA  . SER A 1 30 ? -4.509  1.818   -0.736  1.00 22.38 ? 31  SER A CA  1 
ATOM   234 C C   . SER A 1 30 ? -5.217  2.764   -1.705  1.00 21.99 ? 31  SER A C   1 
ATOM   235 O O   . SER A 1 30 ? -5.996  2.312   -2.542  1.00 24.07 ? 31  SER A O   1 
ATOM   236 C CB  . SER A 1 30 ? -5.076  1.895   0.688   1.00 23.32 ? 31  SER A CB  1 
ATOM   237 O OG  . SER A 1 30 ? -4.435  0.925   1.502   1.00 22.72 ? 31  SER A OG  1 
ATOM   238 N N   . ASN A 1 31 ? -4.913  4.058   -1.640  1.00 20.35 ? 32  ASN A N   1 
ATOM   239 C CA  . ASN A 1 31 ? -5.529  5.032   -2.549  1.00 19.06 ? 32  ASN A CA  1 
ATOM   240 C C   . ASN A 1 31 ? -5.157  4.727   -4.011  1.00 20.29 ? 32  ASN A C   1 
ATOM   241 O O   . ASN A 1 31 ? -5.972  4.888   -4.953  1.00 19.02 ? 32  ASN A O   1 
ATOM   242 C CB  . ASN A 1 31 ? -5.075  6.450   -2.188  1.00 22.31 ? 32  ASN A CB  1 
ATOM   243 C CG  . ASN A 1 31 ? -5.579  7.493   -3.176  1.00 23.91 ? 32  ASN A CG  1 
ATOM   244 O OD1 . ASN A 1 31 ? -6.790  7.641   -3.369  1.00 25.08 ? 32  ASN A OD1 1 
ATOM   245 N ND2 . ASN A 1 31 ? -4.652  8.206   -3.820  1.00 23.99 ? 32  ASN A ND2 1 
ATOM   246 N N   . HIS A 1 32 ? -3.919  4.289   -4.204  1.00 18.62 ? 33  HIS A N   1 
ATOM   247 C CA  . HIS A 1 32 ? -3.444  3.942   -5.534  1.00 17.99 ? 33  HIS A CA  1 
ATOM   248 C C   . HIS A 1 32 ? -4.227  2.752   -6.121  1.00 18.90 ? 33  HIS A C   1 
ATOM   249 O O   . HIS A 1 32 ? -4.542  2.741   -7.312  1.00 19.37 ? 33  HIS A O   1 
ATOM   250 C CB  . HIS A 1 32 ? -1.947  3.648   -5.455  1.00 16.30 ? 33  HIS A CB  1 
ATOM   251 C CG  . HIS A 1 32 ? -1.311  3.378   -6.776  1.00 16.47 ? 33  HIS A CG  1 
ATOM   252 N ND1 . HIS A 1 32 ? -1.606  4.087   -7.915  1.00 17.97 ? 33  HIS A ND1 1 
ATOM   253 C CD2 . HIS A 1 32 ? -0.377  2.455   -7.147  1.00 17.55 ? 33  HIS A CD2 1 
ATOM   254 C CE1 . HIS A 1 32 ? -0.903  3.621   -8.934  1.00 18.24 ? 33  HIS A CE1 1 
ATOM   255 N NE2 . HIS A 1 32 ? -0.149  2.627   -8.481  1.00 19.95 ? 33  HIS A NE2 1 
ATOM   256 N N   . LEU A 1 33 ? -4.558  1.761   -5.296  1.00 20.28 ? 34  LEU A N   1 
ATOM   257 C CA  . LEU A 1 33 ? -5.318  0.600   -5.776  1.00 21.53 ? 34  LEU A CA  1 
ATOM   258 C C   . LEU A 1 33 ? -6.671  1.104   -6.247  1.00 21.65 ? 34  LEU A C   1 
ATOM   259 O O   . LEU A 1 33 ? -7.132  0.781   -7.342  1.00 23.39 ? 34  LEU A O   1 
ATOM   260 C CB  . LEU A 1 33 ? -5.533  -0.417  -4.650  1.00 25.01 ? 34  LEU A CB  1 
ATOM   261 C CG  . LEU A 1 33 ? -6.352  -1.684  -4.939  1.00 24.62 ? 34  LEU A CG  1 
ATOM   262 C CD1 . LEU A 1 33 ? -5.412  -2.795  -5.361  1.00 25.03 ? 34  LEU A CD1 1 
ATOM   263 C CD2 . LEU A 1 33 ? -7.122  -2.094  -3.707  1.00 22.59 ? 34  LEU A CD2 1 
ATOM   264 N N   . THR A 1 34 ? -7.301  1.915   -5.408  1.00 20.74 ? 35  THR A N   1 
ATOM   265 C CA  . THR A 1 34 ? -8.599  2.476   -5.726  1.00 20.41 ? 35  THR A CA  1 
ATOM   266 C C   . THR A 1 34 ? -8.603  3.282   -7.012  1.00 21.19 ? 35  THR A C   1 
ATOM   267 O O   . THR A 1 34 ? -9.538  3.175   -7.807  1.00 20.97 ? 35  THR A O   1 
ATOM   268 C CB  . THR A 1 34 ? -9.108  3.371   -4.597  1.00 20.87 ? 35  THR A CB  1 
ATOM   269 O OG1 . THR A 1 34 ? -9.442  2.558   -3.468  1.00 24.43 ? 35  THR A OG1 1 
ATOM   270 C CG2 . THR A 1 34 ? -10.327 4.126   -5.045  1.00 21.01 ? 35  THR A CG2 1 
ATOM   271 N N   . LYS A 1 35 ? -7.575  4.101   -7.217  1.00 22.13 ? 36  LYS A N   1 
ATOM   272 C CA  . LYS A 1 35 ? -7.508  4.895   -8.437  1.00 21.76 ? 36  LYS A CA  1 
ATOM   273 C C   . LYS A 1 35 ? -7.257  3.988   -9.644  1.00 19.09 ? 36  LYS A C   1 
ATOM   274 O O   . LYS A 1 35 ? -7.695  4.280   -10.747 1.00 19.26 ? 36  LYS A O   1 
ATOM   275 C CB  . LYS A 1 35 ? -6.417  5.974   -8.328  1.00 23.15 ? 36  LYS A CB  1 
ATOM   276 C CG  . LYS A 1 35 ? -6.685  7.041   -7.277  1.00 26.02 ? 36  LYS A CG  1 
ATOM   277 C CD  . LYS A 1 35 ? -7.913  7.863   -7.574  1.00 29.24 ? 36  LYS A CD  1 
ATOM   278 C CE  . LYS A 1 35 ? -8.282  8.773   -6.399  1.00 31.21 ? 36  LYS A CE  1 
ATOM   279 N NZ  . LYS A 1 35 ? -9.611  9.417   -6.659  1.00 36.84 ? 36  LYS A NZ  1 
ATOM   280 N N   . LEU A 1 36 ? -6.568  2.875   -9.439  1.00 18.59 ? 37  LEU A N   1 
ATOM   281 C CA  . LEU A 1 36 ? -6.324  1.967   -10.554 1.00 18.40 ? 37  LEU A CA  1 
ATOM   282 C C   . LEU A 1 36 ? -7.622  1.279   -10.985 1.00 19.58 ? 37  LEU A C   1 
ATOM   283 O O   . LEU A 1 36 ? -7.896  1.096   -12.179 1.00 19.30 ? 37  LEU A O   1 
ATOM   284 C CB  . LEU A 1 36 ? -5.298  0.909   -10.168 1.00 17.20 ? 37  LEU A CB  1 
ATOM   285 C CG  . LEU A 1 36 ? -3.832  1.356   -10.033 1.00 19.19 ? 37  LEU A CG  1 
ATOM   286 C CD1 . LEU A 1 36 ? -2.997  0.184   -9.593  1.00 15.13 ? 37  LEU A CD1 1 
ATOM   287 C CD2 . LEU A 1 36 ? -3.303  1.904   -11.366 1.00 16.28 ? 37  LEU A CD2 1 
ATOM   288 N N   . GLU A 1 37 ? -8.421  0.897   -10.004 1.00 19.14 ? 38  GLU A N   1 
ATOM   289 C CA  . GLU A 1 37 ? -9.676  0.230   -10.296 1.00 21.69 ? 38  GLU A CA  1 
ATOM   290 C C   . GLU A 1 37 ? -10.620 1.192   -10.999 1.00 22.40 ? 38  GLU A C   1 
ATOM   291 O O   . GLU A 1 37 ? -11.303 0.817   -11.951 1.00 23.38 ? 38  GLU A O   1 
ATOM   292 C CB  . GLU A 1 37 ? -10.299 -0.295  -8.995  1.00 21.08 ? 38  GLU A CB  1 
ATOM   293 C CG  . GLU A 1 37 ? -9.419  -1.327  -8.294  1.00 21.17 ? 38  GLU A CG  1 
ATOM   294 C CD  . GLU A 1 37 ? -9.839  -1.576  -6.870  1.00 21.32 ? 38  GLU A CD  1 
ATOM   295 O OE1 . GLU A 1 37 ? -10.085 -0.600  -6.135  1.00 22.91 ? 38  GLU A OE1 1 
ATOM   296 O OE2 . GLU A 1 37 ? -9.918  -2.748  -6.473  1.00 22.71 ? 38  GLU A OE2 1 
ATOM   297 N N   . THR A 1 38 ? -10.657 2.433   -10.530 1.00 22.85 ? 39  THR A N   1 
ATOM   298 C CA  . THR A 1 38 ? -11.509 3.435   -11.143 1.00 22.32 ? 39  THR A CA  1 
ATOM   299 C C   . THR A 1 38 ? -11.098 3.573   -12.607 1.00 23.46 ? 39  THR A C   1 
ATOM   300 O O   . THR A 1 38 ? -11.943 3.581   -13.500 1.00 25.36 ? 39  THR A O   1 
ATOM   301 C CB  . THR A 1 38 ? -11.364 4.800   -10.436 1.00 22.39 ? 39  THR A CB  1 
ATOM   302 O OG1 . THR A 1 38 ? -11.848 4.690   -9.089  1.00 25.76 ? 39  THR A OG1 1 
ATOM   303 C CG2 . THR A 1 38 ? -12.154 5.869   -11.155 1.00 20.61 ? 39  THR A CG2 1 
ATOM   304 N N   . GLU A 1 39 ? -9.800  3.679   -12.864 1.00 22.50 ? 40  GLU A N   1 
ATOM   305 C CA  . GLU A 1 39 ? -9.339  3.812   -14.244 1.00 22.23 ? 40  GLU A CA  1 
ATOM   306 C C   . GLU A 1 39 ? -9.733  2.605   -15.093 1.00 20.23 ? 40  GLU A C   1 
ATOM   307 O O   . GLU A 1 39 ? -10.136 2.744   -16.246 1.00 17.95 ? 40  GLU A O   1 
ATOM   308 C CB  . GLU A 1 39 ? -7.820  3.976   -14.283 1.00 23.25 ? 40  GLU A CB  1 
ATOM   309 C CG  . GLU A 1 39 ? -7.321  5.323   -13.759 1.00 24.64 ? 40  GLU A CG  1 
ATOM   310 C CD  . GLU A 1 39 ? -5.929  5.250   -13.153 1.00 23.08 ? 40  GLU A CD  1 
ATOM   311 O OE1 . GLU A 1 39 ? -5.167  4.316   -13.489 1.00 23.82 ? 40  GLU A OE1 1 
ATOM   312 O OE2 . GLU A 1 39 ? -5.600  6.139   -12.340 1.00 23.38 ? 40  GLU A OE2 1 
ATOM   313 N N   . ALA A 1 40 ? -9.598  1.412   -14.531 1.00 20.56 ? 41  ALA A N   1 
ATOM   314 C CA  . ALA A 1 40 ? -9.939  0.203   -15.281 1.00 22.05 ? 41  ALA A CA  1 
ATOM   315 C C   . ALA A 1 40 ? -11.422 0.204   -15.608 1.00 21.90 ? 41  ALA A C   1 
ATOM   316 O O   . ALA A 1 40 ? -11.811 -0.067  -16.731 1.00 22.69 ? 41  ALA A O   1 
ATOM   317 C CB  . ALA A 1 40 ? -9.573  -1.043  -14.495 1.00 21.85 ? 41  ALA A CB  1 
ATOM   318 N N   . SER A 1 41 ? -12.244 0.567   -14.636 1.00 22.85 ? 42  SER A N   1 
ATOM   319 C CA  . SER A 1 41 ? -13.688 0.605   -14.832 1.00 25.12 ? 42  SER A CA  1 
ATOM   320 C C   . SER A 1 41 ? -14.176 1.664   -15.814 1.00 25.65 ? 42  SER A C   1 
ATOM   321 O O   . SER A 1 41 ? -15.138 1.428   -16.558 1.00 24.52 ? 42  SER A O   1 
ATOM   322 C CB  . SER A 1 41 ? -14.404 0.817   -13.491 1.00 22.47 ? 42  SER A CB  1 
ATOM   323 O OG  . SER A 1 41 ? -13.998 -0.183  -12.573 1.00 27.88 ? 42  SER A OG  1 
ATOM   324 N N   . ASN A 1 42 ? -13.564 2.843   -15.775 1.00 24.99 ? 43  ASN A N   1 
ATOM   325 C CA  . ASN A 1 42 ? -13.971 3.894   -16.687 1.00 26.01 ? 43  ASN A CA  1 
ATOM   326 C C   . ASN A 1 42 ? -13.706 3.370   -18.079 1.00 26.23 ? 43  ASN A C   1 
ATOM   327 O O   . ASN A 1 42 ? -14.467 3.644   -19.011 1.00 25.15 ? 43  ASN A O   1 
ATOM   328 C CB  . ASN A 1 42 ? -13.172 5.179   -16.456 1.00 26.08 ? 43  ASN A CB  1 
ATOM   329 C CG  . ASN A 1 42 ? -13.467 5.805   -15.137 1.00 27.19 ? 43  ASN A CG  1 
ATOM   330 O OD1 . ASN A 1 42 ? -14.546 5.621   -14.571 1.00 29.00 ? 43  ASN A OD1 1 
ATOM   331 N ND2 . ASN A 1 42 ? -12.514 6.568   -14.628 1.00 28.24 ? 43  ASN A ND2 1 
ATOM   332 N N   . MET A 1 43 ? -12.628 2.603   -18.219 1.00 26.70 ? 44  MET A N   1 
ATOM   333 C CA  . MET A 1 43 ? -12.296 2.032   -19.510 1.00 30.01 ? 44  MET A CA  1 
ATOM   334 C C   . MET A 1 43 ? -13.392 1.048   -19.912 1.00 31.00 ? 44  MET A C   1 
ATOM   335 O O   . MET A 1 43 ? -13.903 1.100   -21.029 1.00 31.34 ? 44  MET A O   1 
ATOM   336 C CB  . MET A 1 43 ? -10.970 1.280   -19.456 1.00 30.82 ? 44  MET A CB  1 
ATOM   337 C CG  . MET A 1 43 ? -10.664 0.532   -20.735 1.00 35.02 ? 44  MET A CG  1 
ATOM   338 S SD  . MET A 1 43 ? -10.278 1.598   -22.147 1.00 37.07 ? 44  MET A SD  1 
ATOM   339 C CE  . MET A 1 43 ? -9.366  2.964   -21.292 1.00 39.25 ? 44  MET A CE  1 
ATOM   340 N N   . LYS A 1 44 ? -13.746 0.150   -18.999 1.00 31.40 ? 45  LYS A N   1 
ATOM   341 C CA  . LYS A 1 44 ? -14.775 -0.849  -19.274 1.00 33.04 ? 45  LYS A CA  1 
ATOM   342 C C   . LYS A 1 44 ? -16.069 -0.144  -19.689 1.00 32.30 ? 45  LYS A C   1 
ATOM   343 O O   . LYS A 1 44 ? -16.733 -0.536  -20.646 1.00 33.18 ? 45  LYS A O   1 
ATOM   344 C CB  . LYS A 1 44 ? -15.022 -1.707  -18.030 1.00 32.66 ? 45  LYS A CB  1 
ATOM   345 C CG  . LYS A 1 44 ? -16.119 -2.724  -18.188 1.00 37.97 ? 45  LYS A CG  1 
ATOM   346 C CD  . LYS A 1 44 ? -16.120 -3.735  -17.039 1.00 42.99 ? 45  LYS A CD  1 
ATOM   347 C CE  . LYS A 1 44 ? -17.237 -4.784  -17.196 1.00 44.32 ? 45  LYS A CE  1 
ATOM   348 N NZ  . LYS A 1 44 ? -17.133 -5.881  -16.174 1.00 44.75 ? 45  LYS A NZ  1 
ATOM   349 N N   . GLU A 1 45 ? -16.407 0.924   -18.980 1.00 31.30 ? 46  GLU A N   1 
ATOM   350 C CA  . GLU A 1 45 ? -17.615 1.674   -19.256 1.00 31.77 ? 46  GLU A CA  1 
ATOM   351 C C   . GLU A 1 45 ? -17.622 2.402   -20.602 1.00 30.95 ? 46  GLU A C   1 
ATOM   352 O O   . GLU A 1 45 ? -18.630 2.384   -21.305 1.00 30.99 ? 46  GLU A O   1 
ATOM   353 C CB  . GLU A 1 45 ? -17.854 2.684   -18.146 1.00 32.21 ? 46  GLU A CB  1 
ATOM   354 C CG  . GLU A 1 45 ? -19.310 2.955   -17.920 1.00 38.22 ? 46  GLU A CG  1 
ATOM   355 C CD  . GLU A 1 45 ? -19.622 4.421   -17.729 1.00 40.83 ? 46  GLU A CD  1 
ATOM   356 O OE1 . GLU A 1 45 ? -19.074 5.042   -16.784 1.00 42.39 ? 46  GLU A OE1 1 
ATOM   357 O OE2 . GLU A 1 45 ? -20.430 4.945   -18.528 1.00 42.66 ? 46  GLU A OE2 1 
ATOM   358 N N   . VAL A 1 46 ? -16.517 3.032   -20.984 1.00 28.44 ? 47  VAL A N   1 
ATOM   359 C CA  . VAL A 1 46 ? -16.516 3.749   -22.256 1.00 26.73 ? 47  VAL A CA  1 
ATOM   360 C C   . VAL A 1 46 ? -16.458 2.748   -23.392 1.00 26.70 ? 47  VAL A C   1 
ATOM   361 O O   . VAL A 1 46 ? -16.871 3.036   -24.508 1.00 25.82 ? 47  VAL A O   1 
ATOM   362 C CB  . VAL A 1 46 ? -15.338 4.721   -22.379 1.00 23.40 ? 47  VAL A CB  1 
ATOM   363 C CG1 . VAL A 1 46 ? -14.042 3.960   -22.522 1.00 23.86 ? 47  VAL A CG1 1 
ATOM   364 C CG2 . VAL A 1 46 ? -15.551 5.632   -23.561 1.00 23.50 ? 47  VAL A CG2 1 
ATOM   365 N N   . LEU A 1 47 ? -15.937 1.566   -23.095 1.00 28.67 ? 48  LEU A N   1 
ATOM   366 C CA  . LEU A 1 47 ? -15.859 0.517   -24.091 1.00 31.58 ? 48  LEU A CA  1 
ATOM   367 C C   . LEU A 1 47 ? -17.275 0.067   -24.450 1.00 34.49 ? 48  LEU A C   1 
ATOM   368 O O   . LEU A 1 47 ? -17.594 -0.111  -25.626 1.00 33.95 ? 48  LEU A O   1 
ATOM   369 C CB  . LEU A 1 47 ? -15.044 -0.659  -23.568 1.00 30.76 ? 48  LEU A CB  1 
ATOM   370 C CG  . LEU A 1 47 ? -13.542 -0.365  -23.474 1.00 31.81 ? 48  LEU A CG  1 
ATOM   371 C CD1 . LEU A 1 47 ? -12.835 -1.527  -22.843 1.00 30.57 ? 48  LEU A CD1 1 
ATOM   372 C CD2 . LEU A 1 47 ? -12.963 -0.073  -24.857 1.00 27.96 ? 48  LEU A CD2 1 
ATOM   373 N N   . LYS A 1 48 ? -18.133 -0.082  -23.442 1.00 37.00 ? 49  LYS A N   1 
ATOM   374 C CA  . LYS A 1 48 ? -19.512 -0.496  -23.686 1.00 40.19 ? 49  LYS A CA  1 
ATOM   375 C C   . LYS A 1 48 ? -20.218 0.475   -24.620 1.00 40.40 ? 49  LYS A C   1 
ATOM   376 O O   . LYS A 1 48 ? -20.624 0.107   -25.731 1.00 41.08 ? 49  LYS A O   1 
ATOM   377 C CB  . LYS A 1 48 ? -20.310 -0.611  -22.376 1.00 41.83 ? 49  LYS A CB  1 
ATOM   378 C CG  . LYS A 1 48 ? -19.975 -1.857  -21.542 1.00 44.96 ? 49  LYS A CG  1 
ATOM   379 C CD  . LYS A 1 48 ? -20.887 -2.023  -20.311 1.00 46.92 ? 49  LYS A CD  1 
ATOM   380 C CE  . LYS A 1 48 ? -22.315 -2.413  -20.694 1.00 48.81 ? 49  LYS A CE  1 
ATOM   381 N NZ  . LYS A 1 48 ? -23.176 -2.678  -19.508 1.00 48.97 ? 49  LYS A NZ  1 
ATOM   382 N N   . GLN A 1 49 ? -20.334 1.722   -24.183 1.00 39.62 ? 50  GLN A N   1 
ATOM   383 C CA  . GLN A 1 49 ? -21.014 2.724   -24.982 1.00 40.87 ? 50  GLN A CA  1 
ATOM   384 C C   . GLN A 1 49 ? -20.449 2.949   -26.388 1.00 41.04 ? 50  GLN A C   1 
ATOM   385 O O   . GLN A 1 49 ? -21.105 3.570   -27.224 1.00 41.41 ? 50  GLN A O   1 
ATOM   386 C CB  . GLN A 1 49 ? -21.088 4.045   -24.220 1.00 40.81 ? 50  GLN A CB  1 
ATOM   387 C CG  . GLN A 1 49 ? -19.776 4.745   -23.969 1.00 43.25 ? 50  GLN A CG  1 
ATOM   388 C CD  . GLN A 1 49 ? -19.982 6.073   -23.258 1.00 44.37 ? 50  GLN A CD  1 
ATOM   389 O OE1 . GLN A 1 49 ? -20.774 6.901   -23.699 1.00 45.36 ? 50  GLN A OE1 1 
ATOM   390 N NE2 . GLN A 1 49 ? -19.269 6.277   -22.155 1.00 44.96 ? 50  GLN A NE2 1 
ATOM   391 N N   . LEU A 1 50 ? -19.250 2.444   -26.656 1.00 41.51 ? 51  LEU A N   1 
ATOM   392 C CA  . LEU A 1 50 ? -18.659 2.597   -27.980 1.00 43.04 ? 51  LEU A CA  1 
ATOM   393 C C   . LEU A 1 50 ? -19.074 1.426   -28.827 1.00 45.61 ? 51  LEU A C   1 
ATOM   394 O O   . LEU A 1 50 ? -19.363 1.579   -30.013 1.00 44.80 ? 51  LEU A O   1 
ATOM   395 C CB  . LEU A 1 50 ? -17.142 2.636   -27.903 1.00 40.67 ? 51  LEU A CB  1 
ATOM   396 C CG  . LEU A 1 50 ? -16.583 3.968   -27.415 1.00 40.41 ? 51  LEU A CG  1 
ATOM   397 C CD1 . LEU A 1 50 ? -15.116 3.815   -27.069 1.00 39.17 ? 51  LEU A CD1 1 
ATOM   398 C CD2 . LEU A 1 50 ? -16.784 5.027   -28.493 1.00 39.30 ? 51  LEU A CD2 1 
ATOM   399 N N   . GLN A 1 51 ? -19.097 0.246   -28.209 1.00 50.02 ? 52  GLN A N   1 
ATOM   400 C CA  . GLN A 1 51 ? -19.493 -0.963  -28.915 1.00 55.23 ? 52  GLN A CA  1 
ATOM   401 C C   . GLN A 1 51 ? -20.972 -0.787  -29.254 1.00 57.93 ? 52  GLN A C   1 
ATOM   402 O O   . GLN A 1 51 ? -21.458 -1.389  -30.212 1.00 58.20 ? 52  GLN A O   1 
ATOM   403 C CB  . GLN A 1 51 ? -19.303 -2.226  -28.056 1.00 55.93 ? 52  GLN A CB  1 
ATOM   404 C CG  . GLN A 1 51 ? -18.036 -2.282  -27.179 1.00 57.71 ? 52  GLN A CG  1 
ATOM   405 C CD  . GLN A 1 51 ? -16.715 -2.220  -27.948 1.00 59.47 ? 52  GLN A CD  1 
ATOM   406 O OE1 . GLN A 1 51 ? -16.407 -3.097  -28.758 1.00 59.30 ? 52  GLN A OE1 1 
ATOM   407 N NE2 . GLN A 1 51 ? -15.921 -1.182  -27.677 1.00 59.24 ? 52  GLN A NE2 1 
ATOM   408 N N   . GLY A 1 52 ? -21.685 0.019   -28.455 1.00 61.10 ? 53  GLY A N   1 
ATOM   409 C CA  . GLY A 1 52 ? -23.093 0.305   -28.729 1.00 65.10 ? 53  GLY A CA  1 
ATOM   410 C C   . GLY A 1 52 ? -23.019 0.652   -30.203 1.00 68.54 ? 53  GLY A C   1 
ATOM   411 O O   . GLY A 1 52 ? -23.541 -0.087  -31.048 1.00 69.60 ? 53  GLY A O   1 
ATOM   412 N N   . SER A 1 53 ? -22.385 1.797   -30.487 1.00 70.32 ? 54  SER A N   1 
ATOM   413 C CA  . SER A 1 53 ? -22.041 2.248   -31.849 1.00 72.14 ? 54  SER A CA  1 
ATOM   414 C C   . SER A 1 53 ? -22.626 3.300   -32.810 1.00 73.06 ? 54  SER A C   1 
ATOM   415 O O   . SER A 1 53 ? -21.946 4.278   -33.111 1.00 73.28 ? 54  SER A O   1 
ATOM   416 C CB  . SER A 1 53 ? -21.790 1.010   -32.705 1.00 72.18 ? 54  SER A CB  1 
ATOM   417 O OG  . SER A 1 53 ? -21.291 1.396   -33.971 1.00 72.26 ? 54  SER A OG  1 
ATOM   418 N N   . ILE A 1 54 ? -23.825 3.116   -33.345 1.00 74.19 ? 55  ILE A N   1 
ATOM   419 C CA  . ILE A 1 54 ? -24.303 4.083   -34.332 1.00 75.18 ? 55  ILE A CA  1 
ATOM   420 C C   . ILE A 1 54 ? -25.675 4.705   -34.085 1.00 75.83 ? 55  ILE A C   1 
ATOM   421 O O   . ILE A 1 54 ? -26.674 4.050   -34.457 1.00 76.45 ? 55  ILE A O   1 
ATOM   422 C CB  . ILE A 1 54 ? -24.266 3.438   -35.729 1.00 75.65 ? 55  ILE A CB  1 
ATOM   423 O OXT . ILE A 1 54 ? -25.738 5.848   -33.554 1.00 28.30 ? 55  ILE A OXT 1 
ATOM   424 N N   . ALA B 1 2  ? 7.248   10.683  31.367  1.00 52.81 ? 3   ALA B N   1 
ATOM   425 C CA  . ALA B 1 2  ? 6.513   10.326  32.619  1.00 51.56 ? 3   ALA B CA  1 
ATOM   426 C C   . ALA B 1 2  ? 6.158   8.837   32.643  1.00 50.39 ? 3   ALA B C   1 
ATOM   427 O O   . ALA B 1 2  ? 5.566   8.345   33.605  1.00 50.10 ? 3   ALA B O   1 
ATOM   428 C CB  . ALA B 1 2  ? 5.245   11.171  32.731  1.00 52.30 ? 3   ALA B CB  1 
ATOM   429 N N   . ALA B 1 3  ? 6.541   8.129   31.584  1.00 49.06 ? 4   ALA B N   1 
ATOM   430 C CA  . ALA B 1 3  ? 6.262   6.701   31.451  1.00 47.03 ? 4   ALA B CA  1 
ATOM   431 C C   . ALA B 1 3  ? 7.246   5.813   32.198  1.00 46.42 ? 4   ALA B C   1 
ATOM   432 O O   . ALA B 1 3  ? 8.396   6.177   32.415  1.00 45.40 ? 4   ALA B O   1 
ATOM   433 C CB  . ALA B 1 3  ? 6.243   6.323   29.978  1.00 47.03 ? 4   ALA B CB  1 
ATOM   434 N N   . SER B 1 4  ? 6.784   4.630   32.582  1.00 47.00 ? 5   SER B N   1 
ATOM   435 C CA  . SER B 1 4  ? 7.611   3.672   33.303  1.00 48.01 ? 5   SER B CA  1 
ATOM   436 C C   . SER B 1 4  ? 8.500   2.852   32.370  1.00 49.01 ? 5   SER B C   1 
ATOM   437 O O   . SER B 1 4  ? 8.321   2.853   31.147  1.00 49.61 ? 5   SER B O   1 
ATOM   438 C CB  . SER B 1 4  ? 6.734   2.706   34.100  1.00 48.06 ? 5   SER B CB  1 
ATOM   439 O OG  . SER B 1 4  ? 7.478   1.569   34.513  1.00 47.81 ? 5   SER B OG  1 
ATOM   440 N N   . TYR B 1 5  ? 9.449   2.132   32.956  1.00 48.32 ? 6   TYR B N   1 
ATOM   441 C CA  . TYR B 1 5  ? 10.349  1.311   32.176  1.00 48.74 ? 6   TYR B CA  1 
ATOM   442 C C   . TYR B 1 5  ? 9.634   0.126   31.557  1.00 49.44 ? 6   TYR B C   1 
ATOM   443 O O   . TYR B 1 5  ? 9.735   -0.091  30.357  1.00 50.54 ? 6   TYR B O   1 
ATOM   444 C CB  . TYR B 1 5  ? 11.492  0.796   33.031  1.00 48.59 ? 6   TYR B CB  1 
ATOM   445 C CG  . TYR B 1 5  ? 12.522  0.000   32.254  1.00 50.82 ? 6   TYR B CG  1 
ATOM   446 C CD1 . TYR B 1 5  ? 13.527  0.637   31.525  1.00 50.90 ? 6   TYR B CD1 1 
ATOM   447 C CD2 . TYR B 1 5  ? 12.483  -1.393  32.234  1.00 51.62 ? 6   TYR B CD2 1 
ATOM   448 C CE1 . TYR B 1 5  ? 14.472  -0.096  30.799  1.00 51.70 ? 6   TYR B CE1 1 
ATOM   449 C CE2 . TYR B 1 5  ? 13.423  -2.135  31.510  1.00 52.91 ? 6   TYR B CE2 1 
ATOM   450 C CZ  . TYR B 1 5  ? 14.411  -1.477  30.793  1.00 52.39 ? 6   TYR B CZ  1 
ATOM   451 O OH  . TYR B 1 5  ? 15.325  -2.204  30.061  1.00 51.92 ? 6   TYR B OH  1 
ATOM   452 N N   . ASP B 1 6  ? 8.894   -0.643  32.352  1.00 49.63 ? 7   ASP B N   1 
ATOM   453 C CA  . ASP B 1 6  ? 8.211   -1.785  31.761  1.00 49.02 ? 7   ASP B CA  1 
ATOM   454 C C   . ASP B 1 6  ? 7.186   -1.275  30.757  1.00 47.59 ? 7   ASP B C   1 
ATOM   455 O O   . ASP B 1 6  ? 6.757   -2.002  29.857  1.00 46.99 ? 7   ASP B O   1 
ATOM   456 C CB  . ASP B 1 6  ? 7.538   -2.655  32.827  1.00 51.77 ? 7   ASP B CB  1 
ATOM   457 C CG  . ASP B 1 6  ? 7.395   -4.103  32.376  1.00 55.59 ? 7   ASP B CG  1 
ATOM   458 O OD1 . ASP B 1 6  ? 7.833   -5.006  33.119  1.00 55.91 ? 7   ASP B OD1 1 
ATOM   459 O OD2 . ASP B 1 6  ? 6.857   -4.337  31.266  1.00 57.45 ? 7   ASP B OD2 1 
ATOM   460 N N   . GLN B 1 7  ? 6.816   -0.007  30.892  1.00 45.88 ? 8   GLN B N   1 
ATOM   461 C CA  . GLN B 1 7  ? 5.856   0.590   29.986  1.00 44.21 ? 8   GLN B CA  1 
ATOM   462 C C   . GLN B 1 7  ? 6.467   0.952   28.647  1.00 42.73 ? 8   GLN B C   1 
ATOM   463 O O   . GLN B 1 7  ? 5.824   0.794   27.614  1.00 42.24 ? 8   GLN B O   1 
ATOM   464 C CB  . GLN B 1 7  ? 5.210   1.807   30.632  1.00 44.28 ? 8   GLN B CB  1 
ATOM   465 C CG  . GLN B 1 7  ? 4.188   1.406   31.679  1.00 46.75 ? 8   GLN B CG  1 
ATOM   466 C CD  . GLN B 1 7  ? 3.374   2.572   32.195  1.00 48.77 ? 8   GLN B CD  1 
ATOM   467 O OE1 . GLN B 1 7  ? 2.340   2.373   32.832  1.00 49.46 ? 8   GLN B OE1 1 
ATOM   468 N NE2 . GLN B 1 7  ? 3.835   3.797   31.929  1.00 47.87 ? 8   GLN B NE2 1 
ATOM   469 N N   . LEU B 1 8  ? 7.700   1.445   28.644  1.00 41.93 ? 9   LEU B N   1 
ATOM   470 C CA  . LEU B 1 8  ? 8.337   1.758   27.373  1.00 41.26 ? 9   LEU B CA  1 
ATOM   471 C C   . LEU B 1 8  ? 8.488   0.382   26.735  1.00 41.58 ? 9   LEU B C   1 
ATOM   472 O O   . LEU B 1 8  ? 8.365   0.205   25.526  1.00 41.95 ? 9   LEU B O   1 
ATOM   473 C CB  . LEU B 1 8  ? 9.714   2.383   27.584  1.00 39.47 ? 9   LEU B CB  1 
ATOM   474 C CG  . LEU B 1 8  ? 9.760   3.843   28.023  1.00 39.28 ? 9   LEU B CG  1 
ATOM   475 C CD1 . LEU B 1 8  ? 11.195  4.231   28.326  1.00 38.13 ? 9   LEU B CD1 1 
ATOM   476 C CD2 . LEU B 1 8  ? 9.183   4.734   26.926  1.00 39.30 ? 9   LEU B CD2 1 
ATOM   477 N N   . LEU B 1 9  ? 8.703   -0.599  27.601  1.00 41.22 ? 10  LEU B N   1 
ATOM   478 C CA  . LEU B 1 9  ? 8.893   -1.984  27.223  1.00 41.55 ? 10  LEU B CA  1 
ATOM   479 C C   . LEU B 1 9  ? 7.655   -2.606  26.543  1.00 42.62 ? 10  LEU B C   1 
ATOM   480 O O   . LEU B 1 9  ? 7.789   -3.304  25.530  1.00 43.53 ? 10  LEU B O   1 
ATOM   481 C CB  . LEU B 1 9  ? 9.278   -2.758  28.471  1.00 40.71 ? 10  LEU B CB  1 
ATOM   482 C CG  . LEU B 1 9  ? 10.105  -4.024  28.309  1.00 41.25 ? 10  LEU B CG  1 
ATOM   483 C CD1 . LEU B 1 9  ? 11.337  -3.740  27.466  1.00 41.60 ? 10  LEU B CD1 1 
ATOM   484 C CD2 . LEU B 1 9  ? 10.503  -4.524  29.683  1.00 39.29 ? 10  LEU B CD2 1 
ATOM   485 N N   . LYS B 1 10 ? 6.460   -2.362  27.093  1.00 42.54 ? 11  LYS B N   1 
ATOM   486 C CA  . LYS B 1 10 ? 5.204   -2.874  26.519  1.00 42.57 ? 11  LYS B CA  1 
ATOM   487 C C   . LYS B 1 10 ? 5.005   -2.083  25.230  1.00 40.22 ? 11  LYS B C   1 
ATOM   488 O O   . LYS B 1 10 ? 4.432   -2.584  24.265  1.00 40.44 ? 11  LYS B O   1 
ATOM   489 C CB  . LYS B 1 10 ? 4.016   -2.655  27.490  1.00 43.77 ? 11  LYS B CB  1 
ATOM   490 C CG  . LYS B 1 10 ? 2.623   -3.232  27.047  1.00 50.36 ? 11  LYS B CG  1 
ATOM   491 C CD  . LYS B 1 10 ? 1.480   -3.081  28.106  1.00 51.99 ? 11  LYS B CD  1 
ATOM   492 C CE  . LYS B 1 10 ? 0.098   -3.562  27.600  1.00 52.97 ? 11  LYS B CE  1 
ATOM   493 N NZ  . LYS B 1 10 ? 0.062   -5.022  27.287  1.00 54.81 ? 11  LYS B NZ  1 
ATOM   494 N N   . GLN B 1 11 ? 5.536   -0.860  25.206  1.00 37.71 ? 12  GLN B N   1 
ATOM   495 C CA  . GLN B 1 11 ? 5.421   -0.010  24.019  1.00 34.52 ? 12  GLN B CA  1 
ATOM   496 C C   . GLN B 1 11 ? 6.301   -0.486  22.863  1.00 31.71 ? 12  GLN B C   1 
ATOM   497 O O   . GLN B 1 11 ? 5.896   -0.394  21.711  1.00 30.80 ? 12  GLN B O   1 
ATOM   498 C CB  . GLN B 1 11 ? 5.728   1.456   24.349  1.00 35.68 ? 12  GLN B CB  1 
ATOM   499 C CG  . GLN B 1 11 ? 4.580   2.171   25.060  1.00 37.90 ? 12  GLN B CG  1 
ATOM   500 C CD  . GLN B 1 11 ? 4.791   3.680   25.218  1.00 41.85 ? 12  GLN B CD  1 
ATOM   501 O OE1 . GLN B 1 11 ? 3.897   4.386   25.698  1.00 45.52 ? 12  GLN B OE1 1 
ATOM   502 N NE2 . GLN B 1 11 ? 5.966   4.179   24.820  1.00 41.18 ? 12  GLN B NE2 1 
ATOM   503 N N   . VAL B 1 12 ? 7.496   -0.998  23.145  1.00 28.69 ? 13  VAL B N   1 
ATOM   504 C CA  . VAL B 1 12 ? 8.323   -1.485  22.052  1.00 27.11 ? 13  VAL B CA  1 
ATOM   505 C C   . VAL B 1 12 ? 7.555   -2.619  21.378  1.00 26.86 ? 13  VAL B C   1 
ATOM   506 O O   . VAL B 1 12 ? 7.261   -2.555  20.172  1.00 25.73 ? 13  VAL B O   1 
ATOM   507 C CB  . VAL B 1 12 ? 9.707   -2.031  22.527  1.00 25.76 ? 13  VAL B CB  1 
ATOM   508 C CG1 . VAL B 1 12 ? 10.410  -2.723  21.382  1.00 23.03 ? 13  VAL B CG1 1 
ATOM   509 C CG2 . VAL B 1 12 ? 10.581  -0.887  23.036  1.00 25.60 ? 13  VAL B CG2 1 
ATOM   510 N N   . GLU B 1 13 ? 7.181   -3.621  22.190  1.00 25.72 ? 14  GLU B N   1 
ATOM   511 C CA  . GLU B 1 13 ? 6.437   -4.818  21.721  1.00 25.14 ? 14  GLU B CA  1 
ATOM   512 C C   . GLU B 1 13 ? 5.190   -4.447  20.913  1.00 24.20 ? 14  GLU B C   1 
ATOM   513 O O   . GLU B 1 13 ? 4.917   -5.059  19.876  1.00 24.83 ? 14  GLU B O   1 
ATOM   514 C CB  . GLU B 1 13 ? 5.999   -5.731  22.897  1.00 24.52 ? 14  GLU B CB  1 
ATOM   515 C CG  . GLU B 1 13 ? 7.175   -6.060  23.920  0.00 27.45 ? 14  GLU B CG  1 
ATOM   516 C CD  . GLU B 1 13 ? 6.652   -6.606  25.285  0.00 30.70 ? 14  GLU B CD  1 
ATOM   517 O OE1 . GLU B 1 13 ? 5.433   -6.998  25.468  0.00 30.34 ? 14  GLU B OE1 1 
ATOM   518 O OE2 . GLU B 1 13 ? 7.470   -6.656  26.197  0.00 34.39 ? 14  GLU B OE2 1 
ATOM   519 N N   . ALA B 1 14 ? 4.405   -3.492  21.400  1.00 20.87 ? 15  ALA B N   1 
ATOM   520 C CA  . ALA B 1 14 ? 3.160   -3.117  20.718  1.00 22.59 ? 15  ALA B CA  1 
ATOM   521 C C   . ALA B 1 14 ? 3.454   -2.547  19.333  1.00 22.34 ? 15  ALA B C   1 
ATOM   522 O O   . ALA B 1 14 ? 2.852   -2.948  18.323  1.00 23.36 ? 15  ALA B O   1 
ATOM   523 C CB  . ALA B 1 14 ? 2.387   -2.099  21.551  1.00 19.58 ? 15  ALA B CB  1 
ATOM   524 N N   . LEU B 1 15 ? 4.368   -1.586  19.299  1.00 22.48 ? 16  LEU B N   1 
ATOM   525 C CA  . LEU B 1 15 ? 4.765   -0.966  18.051  1.00 21.98 ? 16  LEU B CA  1 
ATOM   526 C C   . LEU B 1 15 ? 5.374   -1.986  17.096  1.00 21.31 ? 16  LEU B C   1 
ATOM   527 O O   . LEU B 1 15 ? 5.115   -1.936  15.896  1.00 21.60 ? 16  LEU B O   1 
ATOM   528 C CB  . LEU B 1 15 ? 5.749   0.161   18.325  1.00 20.76 ? 16  LEU B CB  1 
ATOM   529 C CG  . LEU B 1 15 ? 5.118   1.459   18.840  1.00 20.78 ? 16  LEU B CG  1 
ATOM   530 C CD1 . LEU B 1 15 ? 6.165   2.415   19.432  1.00 16.53 ? 16  LEU B CD1 1 
ATOM   531 C CD2 . LEU B 1 15 ? 4.386   2.101   17.680  1.00 18.66 ? 16  LEU B CD2 1 
ATOM   532 N N   . LYS B 1 16 ? 6.184   -2.912  17.609  1.00 22.00 ? 17  LYS B N   1 
ATOM   533 C CA  . LYS B 1 16 ? 6.776   -3.910  16.727  1.00 21.54 ? 17  LYS B CA  1 
ATOM   534 C C   . LYS B 1 16 ? 5.688   -4.786  16.122  1.00 21.25 ? 17  LYS B C   1 
ATOM   535 O O   . LYS B 1 16 ? 5.726   -5.109  14.937  1.00 20.93 ? 17  LYS B O   1 
ATOM   536 C CB  . LYS B 1 16 ? 7.815   -4.773  17.451  1.00 21.00 ? 17  LYS B CB  1 
ATOM   537 C CG  . LYS B 1 16 ? 9.110   -4.016  17.797  1.00 24.22 ? 17  LYS B CG  1 
ATOM   538 C CD  . LYS B 1 16 ? 10.329  -4.942  17.876  1.00 23.27 ? 17  LYS B CD  1 
ATOM   539 C CE  . LYS B 1 16 ? 11.612  -4.185  18.238  1.00 25.87 ? 17  LYS B CE  1 
ATOM   540 N NZ  . LYS B 1 16 ? 12.838  -5.041  18.183  1.00 23.53 ? 17  LYS B NZ  1 
ATOM   541 N N   . MET B 1 17 ? 4.703   -5.155  16.924  1.00 21.86 ? 18  MET B N   1 
ATOM   542 C CA  . MET B 1 17 ? 3.610   -5.981  16.414  1.00 23.39 ? 18  MET B CA  1 
ATOM   543 C C   . MET B 1 17 ? 2.868   -5.211  15.320  1.00 22.67 ? 18  MET B C   1 
ATOM   544 O O   . MET B 1 17 ? 2.634   -5.733  14.224  1.00 24.08 ? 18  MET B O   1 
ATOM   545 C CB  . MET B 1 17 ? 2.646   -6.337  17.547  1.00 24.79 ? 18  MET B CB  1 
ATOM   546 C CG  . MET B 1 17 ? 1.458   -7.199  17.147  1.00 29.82 ? 18  MET B CG  1 
ATOM   547 S SD  . MET B 1 17 ? 0.314   -7.516  18.577  1.00 36.59 ? 18  MET B SD  1 
ATOM   548 C CE  . MET B 1 17 ? 1.250   -8.795  19.498  1.00 34.23 ? 18  MET B CE  1 
ATOM   549 N N   . GLU B 1 18 ? 2.511   -3.963  15.603  1.00 19.19 ? 19  GLU B N   1 
ATOM   550 C CA  . GLU B 1 18 ? 1.799   -3.175  14.613  1.00 20.46 ? 19  GLU B CA  1 
ATOM   551 C C   . GLU B 1 18 ? 2.609   -2.966  13.328  1.00 18.72 ? 19  GLU B C   1 
ATOM   552 O O   . GLU B 1 18 ? 2.065   -3.053  12.250  1.00 16.16 ? 19  GLU B O   1 
ATOM   553 C CB  . GLU B 1 18 ? 1.415   -1.822  15.181  1.00 22.05 ? 19  GLU B CB  1 
ATOM   554 C CG  . GLU B 1 18 ? -0.002  -1.699  15.642  1.00 29.75 ? 19  GLU B CG  1 
ATOM   555 C CD  . GLU B 1 18 ? -0.387  -0.245  15.863  1.00 34.21 ? 19  GLU B CD  1 
ATOM   556 O OE1 . GLU B 1 18 ? -0.472  0.500   14.857  1.00 34.67 ? 19  GLU B OE1 1 
ATOM   557 O OE2 . GLU B 1 18 ? -0.584  0.155   17.039  1.00 37.12 ? 19  GLU B OE2 1 
ATOM   558 N N   . ASN B 1 19 ? 3.905   -2.698  13.440  1.00 18.77 ? 20  ASN B N   1 
ATOM   559 C CA  . ASN B 1 19 ? 4.733   -2.482  12.243  1.00 18.11 ? 20  ASN B CA  1 
ATOM   560 C C   . ASN B 1 19 ? 4.747   -3.734  11.403  1.00 17.29 ? 20  ASN B C   1 
ATOM   561 O O   . ASN B 1 19 ? 4.702   -3.685  10.175  1.00 15.98 ? 20  ASN B O   1 
ATOM   562 C CB  . ASN B 1 19 ? 6.166   -2.109  12.622  1.00 17.30 ? 20  ASN B CB  1 
ATOM   563 C CG  . ASN B 1 19 ? 6.249   -0.738  13.259  1.00 17.99 ? 20  ASN B CG  1 
ATOM   564 O OD1 . ASN B 1 19 ? 5.260   -0.007  13.292  1.00 18.06 ? 20  ASN B OD1 1 
ATOM   565 N ND2 . ASN B 1 19 ? 7.428   -0.377  13.763  1.00 19.31 ? 20  ASN B ND2 1 
ATOM   566 N N   . SER B 1 20 ? 4.795   -4.864  12.090  1.00 17.58 ? 21  SER B N   1 
ATOM   567 C CA  . SER B 1 20 ? 4.790   -6.154  11.433  1.00 17.43 ? 21  SER B CA  1 
ATOM   568 C C   . SER B 1 20 ? 3.493   -6.361  10.621  1.00 16.19 ? 21  SER B C   1 
ATOM   569 O O   . SER B 1 20 ? 3.544   -6.842  9.500   1.00 17.63 ? 21  SER B O   1 
ATOM   570 C CB  . SER B 1 20 ? 4.939   -7.248  12.486  1.00 17.56 ? 21  SER B CB  1 
ATOM   571 O OG  . SER B 1 20 ? 5.557   -8.387  11.927  1.00 22.16 ? 21  SER B OG  1 
ATOM   572 N N   . ASN B 1 21 ? 2.341   -5.976  11.174  1.00 16.05 ? 22  ASN B N   1 
ATOM   573 C CA  . ASN B 1 21 ? 1.068   -6.147  10.477  1.00 16.79 ? 22  ASN B CA  1 
ATOM   574 C C   . ASN B 1 21 ? 0.967   -5.199  9.303   1.00 18.71 ? 22  ASN B C   1 
ATOM   575 O O   . ASN B 1 21 ? 0.398   -5.531  8.255   1.00 19.60 ? 22  ASN B O   1 
ATOM   576 C CB  . ASN B 1 21 ? -0.110  -5.881  11.413  1.00 18.56 ? 22  ASN B CB  1 
ATOM   577 C CG  . ASN B 1 21 ? -0.294  -6.976  12.440  1.00 20.71 ? 22  ASN B CG  1 
ATOM   578 O OD1 . ASN B 1 21 ? -0.839  -6.745  13.523  1.00 15.09 ? 22  ASN B OD1 1 
ATOM   579 N ND2 . ASN B 1 21 ? 0.147   -8.185  12.099  1.00 19.39 ? 22  ASN B ND2 1 
ATOM   580 N N   . LEU B 1 22 ? 1.497   -4.001  9.477   1.00 16.72 ? 23  LEU B N   1 
ATOM   581 C CA  . LEU B 1 22 ? 1.434   -3.042  8.400   1.00 16.48 ? 23  LEU B CA  1 
ATOM   582 C C   . LEU B 1 22 ? 2.257   -3.578  7.233   1.00 14.86 ? 23  LEU B C   1 
ATOM   583 O O   . LEU B 1 22 ? 1.806   -3.516  6.092   1.00 15.73 ? 23  LEU B O   1 
ATOM   584 C CB  . LEU B 1 22 ? 1.928   -1.672  8.887   1.00 17.66 ? 23  LEU B CB  1 
ATOM   585 C CG  . LEU B 1 22 ? 1.064   -1.095  10.026  1.00 19.22 ? 23  LEU B CG  1 
ATOM   586 C CD1 . LEU B 1 22 ? 1.845   -0.019  10.769  1.00 19.96 ? 23  LEU B CD1 1 
ATOM   587 C CD2 . LEU B 1 22 ? -0.239  -0.505  9.482   1.00 18.87 ? 23  LEU B CD2 1 
ATOM   588 N N   . ARG B 1 23 ? 3.436   -4.134  7.510   1.00 14.19 ? 24  ARG B N   1 
ATOM   589 C CA  . ARG B 1 23 ? 4.271   -4.683  6.435   1.00 17.47 ? 24  ARG B CA  1 
ATOM   590 C C   . ARG B 1 23 ? 3.539   -5.780  5.683   1.00 17.46 ? 24  ARG B C   1 
ATOM   591 O O   . ARG B 1 23 ? 3.567   -5.814  4.452   1.00 18.80 ? 24  ARG B O   1 
ATOM   592 C CB  . ARG B 1 23 ? 5.598   -5.245  6.967   1.00 17.34 ? 24  ARG B CB  1 
ATOM   593 C CG  . ARG B 1 23 ? 6.519   -4.165  7.530   1.00 21.67 ? 24  ARG B CG  1 
ATOM   594 C CD  . ARG B 1 23 ? 7.977   -4.610  7.669   1.00 23.49 ? 24  ARG B CD  1 
ATOM   595 N NE  . ARG B 1 23 ? 8.679   -3.640  8.505   1.00 29.40 ? 24  ARG B NE  1 
ATOM   596 C CZ  . ARG B 1 23 ? 8.774   -3.716  9.829   1.00 27.70 ? 24  ARG B CZ  1 
ATOM   597 N NH1 . ARG B 1 23 ? 8.244   -4.739  10.488  1.00 28.52 ? 24  ARG B NH1 1 
ATOM   598 N NH2 . ARG B 1 23 ? 9.350   -2.728  10.507  1.00 28.76 ? 24  ARG B NH2 1 
ATOM   599 N N   . GLN B 1 24 ? 2.879   -6.667  6.419   1.00 16.73 ? 25  GLN B N   1 
ATOM   600 C CA  . GLN B 1 24 ? 2.135   -7.743  5.778   1.00 18.73 ? 25  GLN B CA  1 
ATOM   601 C C   . GLN B 1 24 ? 1.028   -7.146  4.889   1.00 17.78 ? 25  GLN B C   1 
ATOM   602 O O   . GLN B 1 24 ? 0.751   -7.656  3.782   1.00 15.36 ? 25  GLN B O   1 
ATOM   603 C CB  . GLN B 1 24 ? 1.516   -8.677  6.836   1.00 21.19 ? 25  GLN B CB  1 
ATOM   604 C CG  . GLN B 1 24 ? 0.743   -9.847  6.236   1.00 26.53 ? 25  GLN B CG  1 
ATOM   605 C CD  . GLN B 1 24 ? 1.664   -10.774 5.429   1.00 32.83 ? 25  GLN B CD  1 
ATOM   606 O OE1 . GLN B 1 24 ? 2.461   -11.536 6.007   1.00 35.33 ? 25  GLN B OE1 1 
ATOM   607 N NE2 . GLN B 1 24 ? 1.577   -10.697 4.092   1.00 30.17 ? 25  GLN B NE2 1 
ATOM   608 N N   . GLU B 1 25 ? 0.409   -6.069  5.375   1.00 15.97 ? 26  GLU B N   1 
ATOM   609 C CA  . GLU B 1 25 ? -0.667  -5.404  4.633   1.00 19.65 ? 26  GLU B CA  1 
ATOM   610 C C   . GLU B 1 25 ? -0.126  -4.732  3.381   1.00 19.45 ? 26  GLU B C   1 
ATOM   611 O O   . GLU B 1 25 ? -0.782  -4.748  2.343   1.00 19.57 ? 26  GLU B O   1 
ATOM   612 C CB  . GLU B 1 25 ? -1.391  -4.367  5.504   1.00 17.64 ? 26  GLU B CB  1 
ATOM   613 C CG  . GLU B 1 25 ? -2.257  -4.986  6.572   1.00 24.36 ? 26  GLU B CG  1 
ATOM   614 C CD  . GLU B 1 25 ? -3.010  -3.968  7.427   1.00 29.31 ? 26  GLU B CD  1 
ATOM   615 O OE1 . GLU B 1 25 ? -3.702  -3.071  6.875   1.00 31.13 ? 26  GLU B OE1 1 
ATOM   616 O OE2 . GLU B 1 25 ? -2.916  -4.082  8.667   1.00 31.22 ? 26  GLU B OE2 1 
ATOM   617 N N   . LEU B 1 26 ? 1.070   -4.143  3.486   1.00 19.21 ? 27  LEU B N   1 
ATOM   618 C CA  . LEU B 1 26 ? 1.693   -3.489  2.338   1.00 18.23 ? 27  LEU B CA  1 
ATOM   619 C C   . LEU B 1 26 ? 2.001   -4.584  1.321   1.00 19.10 ? 27  LEU B C   1 
ATOM   620 O O   . LEU B 1 26 ? 1.859   -4.369  0.123   1.00 19.02 ? 27  LEU B O   1 
ATOM   621 C CB  . LEU B 1 26 ? 2.974   -2.756  2.744   1.00 12.46 ? 27  LEU B CB  1 
ATOM   622 C CG  . LEU B 1 26 ? 2.774   -1.446  3.537   1.00 17.35 ? 27  LEU B CG  1 
ATOM   623 C CD1 . LEU B 1 26 ? 4.077   -1.042  4.209   1.00 11.34 ? 27  LEU B CD1 1 
ATOM   624 C CD2 . LEU B 1 26 ? 2.284   -0.318  2.615   1.00 12.56 ? 27  LEU B CD2 1 
ATOM   625 N N   . GLU B 1 27 ? 2.406   -5.761  1.800   1.00 17.98 ? 28  GLU B N   1 
ATOM   626 C CA  . GLU B 1 27 ? 2.681   -6.874  0.895   1.00 22.89 ? 28  GLU B CA  1 
ATOM   627 C C   . GLU B 1 27 ? 1.392   -7.355  0.218   1.00 21.94 ? 28  GLU B C   1 
ATOM   628 O O   . GLU B 1 27 ? 1.334   -7.439  -1.009  1.00 21.99 ? 28  GLU B O   1 
ATOM   629 C CB  . GLU B 1 27 ? 3.336   -8.040  1.642   1.00 27.68 ? 28  GLU B CB  1 
ATOM   630 C CG  . GLU B 1 27 ? 4.651   -7.660  2.302   1.00 37.56 ? 28  GLU B CG  1 
ATOM   631 C CD  . GLU B 1 27 ? 5.765   -8.654  2.015   1.00 43.37 ? 28  GLU B CD  1 
ATOM   632 O OE1 . GLU B 1 27 ? 5.666   -9.819  2.476   1.00 46.06 ? 28  GLU B OE1 1 
ATOM   633 O OE2 . GLU B 1 27 ? 6.740   -8.271  1.324   1.00 45.98 ? 28  GLU B OE2 1 
ATOM   634 N N   . ASP B 1 28 ? 0.356   -7.662  1.002   1.00 21.02 ? 29  ASP B N   1 
ATOM   635 C CA  . ASP B 1 28 ? -0.891  -8.112  0.397   1.00 21.59 ? 29  ASP B CA  1 
ATOM   636 C C   . ASP B 1 28 ? -1.321  -7.055  -0.616  1.00 21.82 ? 29  ASP B C   1 
ATOM   637 O O   . ASP B 1 28 ? -1.652  -7.381  -1.751  1.00 22.99 ? 29  ASP B O   1 
ATOM   638 C CB  . ASP B 1 28 ? -2.002  -8.319  1.436   1.00 19.90 ? 29  ASP B CB  1 
ATOM   639 C CG  . ASP B 1 28 ? -1.606  -9.289  2.540   1.00 22.35 ? 29  ASP B CG  1 
ATOM   640 O OD1 . ASP B 1 28 ? -0.771  -10.191 2.300   1.00 24.97 ? 29  ASP B OD1 1 
ATOM   641 O OD2 . ASP B 1 28 ? -2.143  -9.152  3.657   1.00 24.90 ? 29  ASP B OD2 1 
ATOM   642 N N   . ASN B 1 29 ? -1.275  -5.788  -0.220  1.00 20.30 ? 30  ASN B N   1 
ATOM   643 C CA  . ASN B 1 29 ? -1.665  -4.716  -1.119  1.00 19.00 ? 30  ASN B CA  1 
ATOM   644 C C   . ASN B 1 29 ? -0.801  -4.698  -2.369  1.00 18.87 ? 30  ASN B C   1 
ATOM   645 O O   . ASN B 1 29 ? -1.291  -4.445  -3.461  1.00 19.46 ? 30  ASN B O   1 
ATOM   646 C CB  . ASN B 1 29 ? -1.588  -3.347  -0.423  1.00 18.04 ? 30  ASN B CB  1 
ATOM   647 C CG  . ASN B 1 29 ? -1.794  -2.179  -1.403  1.00 20.73 ? 30  ASN B CG  1 
ATOM   648 O OD1 . ASN B 1 29 ? -0.882  -1.806  -2.143  1.00 16.29 ? 30  ASN B OD1 1 
ATOM   649 N ND2 . ASN B 1 29 ? -3.009  -1.618  -1.424  1.00 20.17 ? 30  ASN B ND2 1 
ATOM   650 N N   . SER B 1 30 ? 0.488   -4.970  -2.219  1.00 20.51 ? 31  SER B N   1 
ATOM   651 C CA  . SER B 1 30 ? 1.402   -4.968  -3.361  1.00 22.98 ? 31  SER B CA  1 
ATOM   652 C C   . SER B 1 30 ? 0.940   -5.959  -4.446  1.00 23.09 ? 31  SER B C   1 
ATOM   653 O O   . SER B 1 30 ? 0.905   -5.630  -5.634  1.00 24.15 ? 31  SER B O   1 
ATOM   654 C CB  . SER B 1 30 ? 2.797   -5.349  -2.901  1.00 25.10 ? 31  SER B CB  1 
ATOM   655 O OG  . SER B 1 30 ? 3.741   -5.118  -3.922  1.00 33.23 ? 31  SER B OG  1 
ATOM   656 N N   . ASN B 1 31 ? 0.585   -7.169  -4.018  1.00 22.42 ? 32  ASN B N   1 
ATOM   657 C CA  . ASN B 1 31 ? 0.114   -8.221  -4.914  1.00 21.31 ? 32  ASN B CA  1 
ATOM   658 C C   . ASN B 1 31 ? -1.081  -7.802  -5.734  1.00 19.72 ? 32  ASN B C   1 
ATOM   659 O O   . ASN B 1 31 ? -1.161  -8.102  -6.929  1.00 19.05 ? 32  ASN B O   1 
ATOM   660 C CB  . ASN B 1 31 ? -0.264  -9.479  -4.127  1.00 23.41 ? 32  ASN B CB  1 
ATOM   661 C CG  . ASN B 1 31 ? 0.908   -10.053 -3.346  1.00 26.76 ? 32  ASN B CG  1 
ATOM   662 O OD1 . ASN B 1 31 ? 2.062   -9.967  -3.787  1.00 25.92 ? 32  ASN B OD1 1 
ATOM   663 N ND2 . ASN B 1 31 ? 0.619   -10.654 -2.188  1.00 26.40 ? 32  ASN B ND2 1 
ATOM   664 N N   . HIS B 1 32 ? -2.024  -7.121  -5.097  1.00 18.85 ? 33  HIS B N   1 
ATOM   665 C CA  . HIS B 1 32 ? -3.217  -6.684  -5.807  1.00 19.88 ? 33  HIS B CA  1 
ATOM   666 C C   . HIS B 1 32 ? -2.868  -5.565  -6.785  1.00 20.74 ? 33  HIS B C   1 
ATOM   667 O O   . HIS B 1 32 ? -3.387  -5.534  -7.910  1.00 19.53 ? 33  HIS B O   1 
ATOM   668 C CB  . HIS B 1 32 ? -4.286  -6.277  -4.791  1.00 20.90 ? 33  HIS B CB  1 
ATOM   669 C CG  . HIS B 1 32 ? -4.472  -7.298  -3.715  1.00 23.32 ? 33  HIS B CG  1 
ATOM   670 N ND1 . HIS B 1 32 ? -4.645  -8.640  -3.995  1.00 24.82 ? 33  HIS B ND1 1 
ATOM   671 C CD2 . HIS B 1 32 ? -4.406  -7.208  -2.363  1.00 21.98 ? 33  HIS B CD2 1 
ATOM   672 C CE1 . HIS B 1 32 ? -4.663  -9.330  -2.867  1.00 25.38 ? 33  HIS B CE1 1 
ATOM   673 N NE2 . HIS B 1 32 ? -4.517  -8.476  -1.862  1.00 25.75 ? 33  HIS B NE2 1 
ATOM   674 N N   . LEU B 1 33 ? -1.940  -4.689  -6.381  1.00 21.18 ? 34  LEU B N   1 
ATOM   675 C CA  . LEU B 1 33 ? -1.514  -3.584  -7.240  1.00 21.69 ? 34  LEU B CA  1 
ATOM   676 C C   . LEU B 1 33 ? -0.897  -4.129  -8.519  1.00 23.27 ? 34  LEU B C   1 
ATOM   677 O O   . LEU B 1 33 ? -1.219  -3.703  -9.638  1.00 21.70 ? 34  LEU B O   1 
ATOM   678 C CB  . LEU B 1 33 ? -0.482  -2.705  -6.542  1.00 22.45 ? 34  LEU B CB  1 
ATOM   679 C CG  . LEU B 1 33 ? -0.921  -1.740  -5.431  1.00 23.64 ? 34  LEU B CG  1 
ATOM   680 C CD1 . LEU B 1 33 ? 0.303   -0.910  -4.963  1.00 20.15 ? 34  LEU B CD1 1 
ATOM   681 C CD2 . LEU B 1 33 ? -2.024  -0.826  -5.946  1.00 20.06 ? 34  LEU B CD2 1 
ATOM   682 N N   . THR B 1 34 ? -0.010  -5.098  -8.359  1.00 24.65 ? 35  THR B N   1 
ATOM   683 C CA  . THR B 1 34 ? 0.628   -5.667  -9.519  1.00 26.29 ? 35  THR B CA  1 
ATOM   684 C C   . THR B 1 34 ? -0.410  -6.222  -10.491 1.00 25.44 ? 35  THR B C   1 
ATOM   685 O O   . THR B 1 34 ? -0.411  -5.867  -11.661 1.00 26.52 ? 35  THR B O   1 
ATOM   686 C CB  . THR B 1 34 ? 1.609   -6.752  -9.109  1.00 27.33 ? 35  THR B CB  1 
ATOM   687 O OG1 . THR B 1 34 ? 2.691   -6.144  -8.395  1.00 31.44 ? 35  THR B OG1 1 
ATOM   688 C CG2 . THR B 1 34 ? 2.162   -7.459  -10.330 1.00 28.29 ? 35  THR B CG2 1 
ATOM   689 N N   . LYS B 1 35 ? -1.298  -7.081  -10.011 1.00 24.44 ? 36  LYS B N   1 
ATOM   690 C CA  . LYS B 1 35 ? -2.315  -7.638  -10.886 1.00 24.80 ? 36  LYS B CA  1 
ATOM   691 C C   . LYS B 1 35 ? -3.028  -6.539  -11.682 1.00 23.62 ? 36  LYS B C   1 
ATOM   692 O O   . LYS B 1 35 ? -3.291  -6.680  -12.875 1.00 21.95 ? 36  LYS B O   1 
ATOM   693 C CB  . LYS B 1 35 ? -3.331  -8.418  -10.070 1.00 27.88 ? 36  LYS B CB  1 
ATOM   694 C CG  . LYS B 1 35 ? -4.471  -8.938  -10.900 1.00 34.48 ? 36  LYS B CG  1 
ATOM   695 C CD  . LYS B 1 35 ? -5.346  -9.893  -10.117 1.00 40.50 ? 36  LYS B CD  1 
ATOM   696 C CE  . LYS B 1 35 ? -6.501  -10.364 -10.992 1.00 43.96 ? 36  LYS B CE  1 
ATOM   697 N NZ  . LYS B 1 35 ? -7.263  -9.190  -11.512 1.00 46.98 ? 36  LYS B NZ  1 
ATOM   698 N N   . LEU B 1 36 ? -3.350  -5.448  -11.005 1.00 21.60 ? 37  LEU B N   1 
ATOM   699 C CA  . LEU B 1 36 ? -4.020  -4.340  -11.640 1.00 21.20 ? 37  LEU B CA  1 
ATOM   700 C C   . LEU B 1 36 ? -3.126  -3.668  -12.659 1.00 22.03 ? 37  LEU B C   1 
ATOM   701 O O   . LEU B 1 36 ? -3.583  -3.241  -13.734 1.00 24.12 ? 37  LEU B O   1 
ATOM   702 C CB  . LEU B 1 36 ? -4.457  -3.327  -10.586 1.00 22.03 ? 37  LEU B CB  1 
ATOM   703 C CG  . LEU B 1 36 ? -5.799  -3.678  -9.938  1.00 23.51 ? 37  LEU B CG  1 
ATOM   704 C CD1 . LEU B 1 36 ? -5.994  -2.869  -8.689  1.00 24.94 ? 37  LEU B CD1 1 
ATOM   705 C CD2 . LEU B 1 36 ? -6.923  -3.399  -10.927 1.00 22.82 ? 37  LEU B CD2 1 
ATOM   706 N N   . GLU B 1 37 ? -1.847  -3.574  -12.337 1.00 20.54 ? 38  GLU B N   1 
ATOM   707 C CA  . GLU B 1 37 ? -0.914  -2.933  -13.248 1.00 22.29 ? 38  GLU B CA  1 
ATOM   708 C C   . GLU B 1 37 ? -0.671  -3.796  -14.456 1.00 21.15 ? 38  GLU B C   1 
ATOM   709 O O   . GLU B 1 37 ? -0.570  -3.302  -15.569 1.00 21.05 ? 38  GLU B O   1 
ATOM   710 C CB  . GLU B 1 37 ? 0.389   -2.609  -12.510 1.00 23.24 ? 38  GLU B CB  1 
ATOM   711 C CG  . GLU B 1 37 ? 0.098   -1.635  -11.385 1.00 24.82 ? 38  GLU B CG  1 
ATOM   712 C CD  . GLU B 1 37 ? 1.211   -1.468  -10.382 1.00 27.80 ? 38  GLU B CD  1 
ATOM   713 O OE1 . GLU B 1 37 ? 2.040   -2.399  -10.223 1.00 26.73 ? 38  GLU B OE1 1 
ATOM   714 O OE2 . GLU B 1 37 ? 1.222   -0.391  -9.727  1.00 30.69 ? 38  GLU B OE2 1 
ATOM   715 N N   . THR B 1 38 ? -0.603  -5.100  -14.244 1.00 20.31 ? 39  THR B N   1 
ATOM   716 C CA  . THR B 1 38 ? -0.383  -5.990  -15.358 1.00 21.73 ? 39  THR B CA  1 
ATOM   717 C C   . THR B 1 38 ? -1.574  -5.909  -16.308 1.00 20.98 ? 39  THR B C   1 
ATOM   718 O O   . THR B 1 38 ? -1.395  -5.882  -17.521 1.00 23.08 ? 39  THR B O   1 
ATOM   719 C CB  . THR B 1 38 ? -0.177  -7.436  -14.884 1.00 20.55 ? 39  THR B CB  1 
ATOM   720 O OG1 . THR B 1 38 ? 0.994   -7.498  -14.068 1.00 19.06 ? 39  THR B OG1 1 
ATOM   721 C CG2 . THR B 1 38 ? -0.005  -8.362  -16.073 1.00 20.56 ? 39  THR B CG2 1 
ATOM   722 N N   . GLU B 1 39 ? -2.782  -5.842  -15.764 1.00 19.31 ? 40  GLU B N   1 
ATOM   723 C CA  . GLU B 1 39 ? -3.969  -5.755  -16.607 1.00 19.75 ? 40  GLU B CA  1 
ATOM   724 C C   . GLU B 1 39 ? -3.988  -4.453  -17.398 1.00 19.43 ? 40  GLU B C   1 
ATOM   725 O O   . GLU B 1 39 ? -4.353  -4.442  -18.568 1.00 20.38 ? 40  GLU B O   1 
ATOM   726 C CB  . GLU B 1 39 ? -5.247  -5.848  -15.767 1.00 19.97 ? 40  GLU B CB  1 
ATOM   727 C CG  . GLU B 1 39 ? -6.548  -5.742  -16.564 1.00 23.31 ? 40  GLU B CG  1 
ATOM   728 C CD  . GLU B 1 39 ? -6.595  -6.690  -17.780 1.00 29.47 ? 40  GLU B CD  1 
ATOM   729 O OE1 . GLU B 1 39 ? -6.174  -7.864  -17.660 1.00 31.74 ? 40  GLU B OE1 1 
ATOM   730 O OE2 . GLU B 1 39 ? -7.061  -6.266  -18.861 1.00 29.54 ? 40  GLU B OE2 1 
ATOM   731 N N   . ALA B 1 40 ? -3.614  -3.350  -16.766 1.00 18.58 ? 41  ALA B N   1 
ATOM   732 C CA  . ALA B 1 40 ? -3.619  -2.066  -17.472 1.00 19.28 ? 41  ALA B CA  1 
ATOM   733 C C   . ALA B 1 40 ? -2.637  -2.113  -18.629 1.00 19.55 ? 41  ALA B C   1 
ATOM   734 O O   . ALA B 1 40 ? -2.968  -1.732  -19.749 1.00 18.50 ? 41  ALA B O   1 
ATOM   735 C CB  . ALA B 1 40 ? -3.255  -0.931  -16.526 1.00 15.20 ? 41  ALA B CB  1 
ATOM   736 N N   . SER B 1 41 ? -1.429  -2.591  -18.344 1.00 19.11 ? 42  SER B N   1 
ATOM   737 C CA  . SER B 1 41 ? -0.407  -2.700  -19.361 1.00 21.66 ? 42  SER B CA  1 
ATOM   738 C C   . SER B 1 41 ? -0.877  -3.553  -20.530 1.00 22.92 ? 42  SER B C   1 
ATOM   739 O O   . SER B 1 41 ? -0.645  -3.214  -21.690 1.00 22.70 ? 42  SER B O   1 
ATOM   740 C CB  . SER B 1 41 ? 0.864   -3.302  -18.766 1.00 21.08 ? 42  SER B CB  1 
ATOM   741 O OG  . SER B 1 41 ? 1.436   -2.400  -17.837 1.00 25.38 ? 42  SER B OG  1 
ATOM   742 N N   . ASN B 1 42 ? -1.546  -4.662  -20.223 1.00 23.09 ? 43  ASN B N   1 
ATOM   743 C CA  . ASN B 1 42 ? -2.017  -5.551  -21.271 1.00 23.67 ? 43  ASN B CA  1 
ATOM   744 C C   . ASN B 1 42 ? -3.037  -4.831  -22.147 1.00 24.50 ? 43  ASN B C   1 
ATOM   745 O O   . ASN B 1 42 ? -3.021  -4.946  -23.380 1.00 22.26 ? 43  ASN B O   1 
ATOM   746 C CB  . ASN B 1 42 ? -2.641  -6.794  -20.660 1.00 22.60 ? 43  ASN B CB  1 
ATOM   747 C CG  . ASN B 1 42 ? -2.694  -7.944  -21.632 1.00 23.85 ? 43  ASN B CG  1 
ATOM   748 O OD1 . ASN B 1 42 ? -1.671  -8.510  -21.987 1.00 23.11 ? 43  ASN B OD1 1 
ATOM   749 N ND2 . ASN B 1 42 ? -3.893  -8.293  -22.072 1.00 24.26 ? 43  ASN B ND2 1 
ATOM   750 N N   . MET B 1 43 ? -3.911  -4.078  -21.490 1.00 24.33 ? 44  MET B N   1 
ATOM   751 C CA  . MET B 1 43 ? -4.959  -3.311  -22.156 1.00 27.35 ? 44  MET B CA  1 
ATOM   752 C C   . MET B 1 43 ? -4.282  -2.309  -23.090 1.00 27.38 ? 44  MET B C   1 
ATOM   753 O O   . MET B 1 43 ? -4.656  -2.145  -24.255 1.00 26.18 ? 44  MET B O   1 
ATOM   754 C CB  . MET B 1 43 ? -5.775  -2.571  -21.099 1.00 30.62 ? 44  MET B CB  1 
ATOM   755 C CG  . MET B 1 43 ? -7.213  -2.259  -21.453 1.00 37.82 ? 44  MET B CG  1 
ATOM   756 S SD  . MET B 1 43 ? -8.351  -2.897  -20.144 1.00 45.33 ? 44  MET B SD  1 
ATOM   757 C CE  . MET B 1 43 ? -7.869  -1.891  -18.671 1.00 41.62 ? 44  MET B CE  1 
ATOM   758 N N   . LYS B 1 44 ? -3.257  -1.656  -22.570 1.00 25.92 ? 45  LYS B N   1 
ATOM   759 C CA  . LYS B 1 44 ? -2.532  -0.676  -23.343 1.00 27.05 ? 45  LYS B CA  1 
ATOM   760 C C   . LYS B 1 44 ? -1.855  -1.327  -24.554 1.00 25.32 ? 45  LYS B C   1 
ATOM   761 O O   . LYS B 1 44 ? -1.918  -0.816  -25.667 1.00 24.90 ? 45  LYS B O   1 
ATOM   762 C CB  . LYS B 1 44 ? -1.500  0.000   -22.448 1.00 28.72 ? 45  LYS B CB  1 
ATOM   763 C CG  . LYS B 1 44 ? -0.949  1.271   -23.005 1.00 30.76 ? 45  LYS B CG  1 
ATOM   764 C CD  . LYS B 1 44 ? -0.032  1.951   -21.993 1.00 32.57 ? 45  LYS B CD  1 
ATOM   765 C CE  . LYS B 1 44 ? 0.381   3.324   -22.501 1.00 31.66 ? 45  LYS B CE  1 
ATOM   766 N NZ  . LYS B 1 44 ? -0.810  4.183   -22.673 1.00 33.60 ? 45  LYS B NZ  1 
ATOM   767 N N   . GLU B 1 45 ? -1.221  -2.469  -24.320 1.00 23.88 ? 46  GLU B N   1 
ATOM   768 C CA  . GLU B 1 45 ? -0.520  -3.203  -25.367 1.00 21.76 ? 46  GLU B CA  1 
ATOM   769 C C   . GLU B 1 45 ? -1.490  -3.683  -26.450 1.00 20.90 ? 46  GLU B C   1 
ATOM   770 O O   . GLU B 1 45 ? -1.169  -3.635  -27.632 1.00 21.74 ? 46  GLU B O   1 
ATOM   771 C CB  . GLU B 1 45 ? 0.236   -4.377  -24.730 1.00 20.08 ? 46  GLU B CB  1 
ATOM   772 C CG  . GLU B 1 45 ? 0.869   -5.354  -25.698 1.00 21.19 ? 46  GLU B CG  1 
ATOM   773 C CD  . GLU B 1 45 ? 1.819   -4.689  -26.689 1.00 23.29 ? 46  GLU B CD  1 
ATOM   774 O OE1 . GLU B 1 45 ? 2.416   -3.648  -26.355 1.00 24.07 ? 46  GLU B OE1 1 
ATOM   775 O OE2 . GLU B 1 45 ? 1.984   -5.217  -27.805 1.00 25.07 ? 46  GLU B OE2 1 
ATOM   776 N N   . VAL B 1 46 ? -2.677  -4.132  -26.053 1.00 19.96 ? 47  VAL B N   1 
ATOM   777 C CA  . VAL B 1 46 ? -3.677  -4.591  -27.019 1.00 20.20 ? 47  VAL B CA  1 
ATOM   778 C C   . VAL B 1 46 ? -4.241  -3.428  -27.854 1.00 21.21 ? 47  VAL B C   1 
ATOM   779 O O   . VAL B 1 46 ? -4.469  -3.575  -29.054 1.00 20.53 ? 47  VAL B O   1 
ATOM   780 C CB  . VAL B 1 46 ? -4.862  -5.333  -26.316 1.00 19.02 ? 47  VAL B CB  1 
ATOM   781 C CG1 . VAL B 1 46 ? -6.014  -5.499  -27.257 1.00 19.14 ? 47  VAL B CG1 1 
ATOM   782 C CG2 . VAL B 1 46 ? -4.427  -6.705  -25.864 1.00 21.51 ? 47  VAL B CG2 1 
ATOM   783 N N   . LEU B 1 47 ? -4.475  -2.276  -27.226 1.00 22.94 ? 48  LEU B N   1 
ATOM   784 C CA  . LEU B 1 47 ? -5.017  -1.123  -27.951 1.00 23.97 ? 48  LEU B CA  1 
ATOM   785 C C   . LEU B 1 47 ? -4.003  -0.648  -28.979 1.00 23.24 ? 48  LEU B C   1 
ATOM   786 O O   . LEU B 1 47 ? -4.359  -0.143  -30.038 1.00 22.31 ? 48  LEU B O   1 
ATOM   787 C CB  . LEU B 1 47 ? -5.354  0.024   -26.988 1.00 24.42 ? 48  LEU B CB  1 
ATOM   788 C CG  . LEU B 1 47 ? -6.541  -0.232  -26.035 1.00 26.36 ? 48  LEU B CG  1 
ATOM   789 C CD1 . LEU B 1 47 ? -6.683  0.917   -25.022 1.00 25.88 ? 48  LEU B CD1 1 
ATOM   790 C CD2 . LEU B 1 47 ? -7.824  -0.363  -26.844 1.00 26.54 ? 48  LEU B CD2 1 
ATOM   791 N N   . LYS B 1 48 ? -2.735  -0.838  -28.658 1.00 22.72 ? 49  LYS B N   1 
ATOM   792 C CA  . LYS B 1 48 ? -1.666  -0.442  -29.541 1.00 24.82 ? 49  LYS B CA  1 
ATOM   793 C C   . LYS B 1 48 ? -1.694  -1.319  -30.782 1.00 25.29 ? 49  LYS B C   1 
ATOM   794 O O   . LYS B 1 48 ? -1.651  -0.826  -31.900 1.00 27.19 ? 49  LYS B O   1 
ATOM   795 C CB  . LYS B 1 48 ? -0.324  -0.598  -28.829 1.00 27.17 ? 49  LYS B CB  1 
ATOM   796 C CG  . LYS B 1 48 ? 0.907   -0.463  -29.732 1.00 29.42 ? 49  LYS B CG  1 
ATOM   797 C CD  . LYS B 1 48 ? 2.176   -0.573  -28.890 1.00 31.02 ? 49  LYS B CD  1 
ATOM   798 C CE  . LYS B 1 48 ? 3.431   -0.433  -29.727 1.00 32.51 ? 49  LYS B CE  1 
ATOM   799 N NZ  . LYS B 1 48 ? 4.620   -0.494  -28.831 1.00 36.79 ? 49  LYS B NZ  1 
ATOM   800 N N   . GLN B 1 49 ? -1.774  -2.627  -30.586 1.00 22.66 ? 50  GLN B N   1 
ATOM   801 C CA  . GLN B 1 49 ? -1.787  -3.512  -31.719 1.00 19.14 ? 50  GLN B CA  1 
ATOM   802 C C   . GLN B 1 49 ? -3.014  -3.261  -32.576 1.00 18.52 ? 50  GLN B C   1 
ATOM   803 O O   . GLN B 1 49 ? -2.927  -3.288  -33.807 1.00 13.68 ? 50  GLN B O   1 
ATOM   804 C CB  . GLN B 1 49 ? -1.734  -4.960  -31.248 1.00 21.86 ? 50  GLN B CB  1 
ATOM   805 C CG  . GLN B 1 49 ? -0.467  -5.315  -30.480 1.00 18.62 ? 50  GLN B CG  1 
ATOM   806 C CD  . GLN B 1 49 ? 0.796   -4.890  -31.214 1.00 21.53 ? 50  GLN B CD  1 
ATOM   807 O OE1 . GLN B 1 49 ? 0.785   -4.695  -32.429 1.00 14.79 ? 50  GLN B OE1 1 
ATOM   808 N NE2 . GLN B 1 49 ? 1.898   -4.753  -30.473 1.00 22.95 ? 50  GLN B NE2 1 
ATOM   809 N N   . LEU B 1 50 ? -4.150  -2.990  -31.934 1.00 19.05 ? 51  LEU B N   1 
ATOM   810 C CA  . LEU B 1 50 ? -5.391  -2.714  -32.660 1.00 20.48 ? 51  LEU B CA  1 
ATOM   811 C C   . LEU B 1 50 ? -5.226  -1.434  -33.454 1.00 22.33 ? 51  LEU B C   1 
ATOM   812 O O   . LEU B 1 50 ? -5.619  -1.355  -34.617 1.00 21.56 ? 51  LEU B O   1 
ATOM   813 C CB  . LEU B 1 50 ? -6.587  -2.550  -31.699 1.00 20.41 ? 51  LEU B CB  1 
ATOM   814 C CG  . LEU B 1 50 ? -7.116  -3.774  -30.932 1.00 21.36 ? 51  LEU B CG  1 
ATOM   815 C CD1 . LEU B 1 50 ? -8.228  -3.369  -29.928 1.00 18.63 ? 51  LEU B CD1 1 
ATOM   816 C CD2 . LEU B 1 50 ? -7.649  -4.781  -31.940 1.00 17.82 ? 51  LEU B CD2 1 
ATOM   817 N N   . GLN B 1 51 ? -4.624  -0.431  -32.826 1.00 24.02 ? 52  GLN B N   1 
ATOM   818 C CA  . GLN B 1 51 ? -4.447  0.854   -33.480 1.00 26.12 ? 52  GLN B CA  1 
ATOM   819 C C   . GLN B 1 51 ? -3.655  0.747   -34.759 1.00 26.69 ? 52  GLN B C   1 
ATOM   820 O O   . GLN B 1 51 ? -3.990  1.396   -35.753 1.00 25.35 ? 52  GLN B O   1 
ATOM   821 C CB  . GLN B 1 51 ? -3.750  1.853   -32.562 1.00 27.05 ? 52  GLN B CB  1 
ATOM   822 C CG  . GLN B 1 51 ? -3.940  3.273   -33.046 1.00 33.50 ? 52  GLN B CG  1 
ATOM   823 C CD  . GLN B 1 51 ? -3.345  4.304   -32.113 1.00 37.33 ? 52  GLN B CD  1 
ATOM   824 O OE1 . GLN B 1 51 ? -3.055  4.022   -30.935 1.00 37.13 ? 52  GLN B OE1 1 
ATOM   825 N NE2 . GLN B 1 51 ? -3.168  5.517   -32.629 1.00 38.43 ? 52  GLN B NE2 1 
ATOM   826 N N   . GLY B 1 52 ? -2.599  -0.059  -34.726 1.00 25.66 ? 53  GLY B N   1 
ATOM   827 C CA  . GLY B 1 52 ? -1.770  -0.215  -35.908 1.00 28.47 ? 53  GLY B CA  1 
ATOM   828 C C   . GLY B 1 52 ? -2.363  -1.162  -36.932 1.00 28.76 ? 53  GLY B C   1 
ATOM   829 O O   . GLY B 1 52 ? -1.647  -1.680  -37.763 1.00 28.59 ? 53  GLY B O   1 
ATOM   830 N N   . SER B 1 53 ? -3.672  -1.377  -36.875 1.00 31.57 ? 54  SER B N   1 
ATOM   831 C CA  . SER B 1 53 ? -4.359  -2.274  -37.803 1.00 35.53 ? 54  SER B CA  1 
ATOM   832 C C   . SER B 1 53 ? -5.241  -1.518  -38.787 1.00 38.52 ? 54  SER B C   1 
ATOM   833 O O   . SER B 1 53 ? -5.213  -1.771  -39.989 1.00 40.78 ? 54  SER B O   1 
ATOM   834 C CB  . SER B 1 53 ? -5.247  -3.256  -37.036 1.00 33.30 ? 54  SER B CB  1 
ATOM   835 O OG  . SER B 1 53 ? -4.492  -4.021  -36.115 1.00 34.14 ? 54  SER B OG  1 
ATOM   836 N N   . ILE B 1 54 ? -6.027  -0.590  -38.257 1.00 41.06 ? 55  ILE B N   1 
ATOM   837 C CA  . ILE B 1 54 ? -6.957  0.187   -39.062 1.00 42.56 ? 55  ILE B CA  1 
ATOM   838 C C   . ILE B 1 54 ? -6.412  1.585   -39.339 1.00 43.18 ? 55  ILE B C   1 
ATOM   839 O O   . ILE B 1 54 ? -5.176  1.703   -39.387 1.00 45.16 ? 55  ILE B O   1 
ATOM   840 C CB  . ILE B 1 54 ? -8.348  0.231   -38.342 1.00 42.98 ? 55  ILE B CB  1 
ATOM   841 C CG1 . ILE B 1 54 ? -9.476  0.238   -39.379 1.00 42.27 ? 55  ILE B CG1 1 
ATOM   842 C CG2 . ILE B 1 54 ? -8.424  1.407   -37.385 1.00 41.73 ? 55  ILE B CG2 1 
ATOM   843 C CD1 . ILE B 1 54 ? -9.541  -1.034  -40.220 1.00 43.12 ? 55  ILE B CD1 1 
ATOM   844 O OXT . ILE B 1 54 ? -7.197  2.540   -39.515 1.00 28.30 ? 55  ILE B OXT 1 
HETATM 845 S S   . SO4 C 2 .  ? 11.556  -6.512  14.482  1.00 53.46 ? 423 SO4 B S   1 
HETATM 846 O O1  . SO4 C 2 .  ? 11.819  -5.063  14.517  1.00 53.06 ? 423 SO4 B O1  1 
HETATM 847 O O2  . SO4 C 2 .  ? 10.159  -6.766  14.904  1.00 53.12 ? 423 SO4 B O2  1 
HETATM 848 O O3  . SO4 C 2 .  ? 11.761  -6.985  13.096  1.00 56.06 ? 423 SO4 B O3  1 
HETATM 849 O O4  . SO4 C 2 .  ? 12.469  -7.243  15.388  1.00 53.00 ? 423 SO4 B O4  1 
HETATM 850 O O   . HOH D 3 .  ? 4.176   6.251   0.093   1.00 14.17 ? 206 HOH A O   1 
HETATM 851 O O   . HOH D 3 .  ? 18.642  5.036   31.500  1.00 48.25 ? 210 HOH A O   1 
HETATM 852 O O   . HOH D 3 .  ? 1.343   8.366   9.501   1.00 28.02 ? 216 HOH A O   1 
HETATM 853 O O   . HOH D 3 .  ? 14.108  1.251   17.514  1.00 23.98 ? 217 HOH A O   1 
HETATM 854 O O   . HOH D 3 .  ? -16.879 3.600   -14.385 1.00 32.98 ? 218 HOH A O   1 
HETATM 855 O O   . HOH D 3 .  ? 9.045   9.232   17.065  1.00 26.69 ? 221 HOH A O   1 
HETATM 856 O O   . HOH D 3 .  ? -6.113  0.505   -14.225 1.00 29.49 ? 222 HOH A O   1 
HETATM 857 O O   . HOH D 3 .  ? 1.202   4.891   -4.407  1.00 50.89 ? 223 HOH A O   1 
HETATM 858 O O   . HOH D 3 .  ? -11.800 -1.964  -11.913 1.00 31.85 ? 224 HOH A O   1 
HETATM 859 O O   . HOH D 3 .  ? -0.146  7.249   13.076  1.00 43.06 ? 225 HOH A O   1 
HETATM 860 O O   . HOH D 3 .  ? 4.384   11.721  12.600  1.00 38.45 ? 227 HOH A O   1 
HETATM 861 O O   . HOH D 3 .  ? -2.928  6.667   7.863   1.00 46.89 ? 228 HOH A O   1 
HETATM 862 O O   . HOH D 3 .  ? -2.648  3.463   7.749   1.00 54.15 ? 229 HOH A O   1 
HETATM 863 O O   . HOH D 3 .  ? -7.771  -5.661  -6.698  1.00 24.82 ? 230 HOH A O   1 
HETATM 864 O O   . HOH D 3 .  ? -4.389  2.256   -15.133 1.00 34.87 ? 231 HOH A O   1 
HETATM 865 O O   . HOH D 3 .  ? 7.733   10.654  12.785  1.00 38.98 ? 232 HOH A O   1 
HETATM 866 O O   . HOH D 3 .  ? -1.945  7.989   10.264  1.00 46.10 ? 233 HOH A O   1 
HETATM 867 O O   . HOH E 3 .  ? 1.324   -1.988  -22.301 1.00 27.41 ? 201 HOH B O   1 
HETATM 868 O O   . HOH E 3 .  ? 1.816   -2.022  -1.098  1.00 28.45 ? 202 HOH B O   1 
HETATM 869 O O   . HOH E 3 .  ? 9.292   -2.596  13.357  1.00 20.58 ? 203 HOH B O   1 
HETATM 870 O O   . HOH E 3 .  ? -3.413  -8.883  -14.060 1.00 27.96 ? 204 HOH B O   1 
HETATM 871 O O   . HOH E 3 .  ? 7.971   -7.895  9.943   1.00 29.90 ? 205 HOH B O   1 
HETATM 872 O O   . HOH E 3 .  ? 0.146   -0.733  -15.805 1.00 37.18 ? 207 HOH B O   1 
HETATM 873 O O   . HOH E 3 .  ? -6.128  -10.029 -13.853 1.00 35.88 ? 208 HOH B O   1 
HETATM 874 O O   . HOH E 3 .  ? -4.903  -10.057 -6.557  1.00 42.12 ? 209 HOH B O   1 
HETATM 875 O O   . HOH E 3 .  ? 1.195   -7.802  -28.100 1.00 29.92 ? 211 HOH B O   1 
HETATM 876 O O   . HOH E 3 .  ? -6.135  -6.904  -21.610 1.00 30.42 ? 212 HOH B O   1 
HETATM 877 O O   . HOH E 3 .  ? 8.249   -5.236  13.770  1.00 23.23 ? 213 HOH B O   1 
HETATM 878 O O   . HOH E 3 .  ? -0.848  6.635   -30.198 1.00 35.41 ? 214 HOH B O   1 
HETATM 879 O O   . HOH E 3 .  ? -3.028  2.510   -39.910 1.00 30.01 ? 215 HOH B O   1 
HETATM 880 O O   . HOH E 3 .  ? -6.300  -2.743  -14.561 1.00 29.24 ? 219 HOH B O   1 
HETATM 881 O O   . HOH E 3 .  ? -8.058  -4.349  -13.812 1.00 23.89 ? 220 HOH B O   1 
HETATM 882 O O   . HOH E 3 .  ? 9.491   -5.088  23.928  1.00 52.73 ? 226 HOH B O   1 
HETATM 883 O O   . HOH E 3 .  ? -2.019  -4.276  14.147  1.00 24.00 ? 234 HOH B O   1 
# 
